data_1JR1
#
_entry.id   1JR1
#
_cell.length_a   110.6
_cell.length_b   110.6
_cell.length_c   111.0
_cell.angle_alpha   90
_cell.angle_beta   90
_cell.angle_gamma   90
#
_symmetry.space_group_name_H-M   'P 4'
#
loop_
_entity.id
_entity.type
_entity.pdbx_description
1 polymer "Inosine-5'-Monophosphate Dehydrogenase 2"
2 non-polymer 'POTASSIUM ION'
3 non-polymer 'INOSINIC ACID'
4 non-polymer 'MYCOPHENOLIC ACID'
5 water water
#
_entity_poly.entity_id   1
_entity_poly.type   'polypeptide(L)'
_entity_poly.pdbx_seq_one_letter_code
;MADYLISGGTSYVPDDGLTAQQLFNCGDGLTYNDFLILPGYIDFTADQVDLTSALTKKITLKTPLVSSPMDTVTEAGMAI
AMALTGGIGFIHHNCTPEFQANEVRKVKKYEQGFITDPVVLSPKDRVRDVFEAKARHGFCGIPITDTGRMGSRLVGIISS
RDIDFLKEEEHDRFLEEIMTKREDLVVAPAGITLKEANEILQRSKKGKLPIVNENDELVAIIARTDLKKNRDYPLASKDA
KKQLLCGAAIGTHEDDKYRLDLLALAGVDVVVLDSSQGNSIFQINMIKYMKEKYPNLQVIGGNVVTAAQAKNLIDAGVDA
LRVGMGCGSICITQEVLACGRPQATAVYKVSEYARRFGVPVIADGGIQNVGHIAKALALGASTVMMGSLLAATTEAPGEY
FFSDGIRLKKYRGMGSLDAMDKHLSSQNRYFSEADKIKVAQGVSGAVQDKGSIHKFVPYLIAGIQHSCQDIGAKSLTQVR
AMMYSGELKFEKRTSSAQVEGGVHSLHSYEKRLF
;
_entity_poly.pdbx_strand_id   A,B
#
loop_
_chem_comp.id
_chem_comp.type
_chem_comp.name
_chem_comp.formula
IMP non-polymer 'INOSINIC ACID' 'C10 H13 N4 O8 P'
K non-polymer 'POTASSIUM ION' 'K 1'
MOA non-polymer 'MYCOPHENOLIC ACID' 'C17 H20 O6'
#
# COMPACT_ATOMS: atom_id res chain seq x y z
N GLY A 17 -12.00 -13.57 -15.32
CA GLY A 17 -10.73 -13.45 -14.59
C GLY A 17 -10.04 -12.18 -15.09
N LEU A 18 -10.47 -11.05 -14.53
CA LEU A 18 -9.93 -9.75 -14.89
C LEU A 18 -9.56 -9.05 -13.60
N THR A 19 -8.43 -8.34 -13.56
CA THR A 19 -8.06 -7.63 -12.34
C THR A 19 -8.77 -6.27 -12.29
N ALA A 20 -8.83 -5.69 -11.11
CA ALA A 20 -9.46 -4.39 -10.90
C ALA A 20 -8.78 -3.33 -11.76
N GLN A 21 -7.45 -3.37 -11.79
CA GLN A 21 -6.68 -2.42 -12.59
C GLN A 21 -7.17 -2.50 -14.05
N GLN A 22 -7.32 -3.71 -14.58
CA GLN A 22 -7.79 -3.88 -15.95
C GLN A 22 -9.23 -3.47 -16.16
N LEU A 23 -10.09 -3.94 -15.28
CA LEU A 23 -11.51 -3.67 -15.33
C LEU A 23 -11.87 -2.19 -15.31
N PHE A 24 -11.31 -1.45 -14.35
CA PHE A 24 -11.63 -0.02 -14.17
C PHE A 24 -10.73 0.95 -14.86
N ASN A 25 -10.04 0.50 -15.89
CA ASN A 25 -9.15 1.39 -16.61
C ASN A 25 -9.32 1.22 -18.11
N CYS A 26 -10.59 1.12 -18.50
CA CYS A 26 -11.00 0.98 -19.89
C CYS A 26 -12.02 2.06 -20.28
N GLY A 27 -12.36 2.93 -19.32
CA GLY A 27 -13.29 4.02 -19.56
C GLY A 27 -14.75 3.68 -19.82
N ASP A 28 -15.19 2.51 -19.38
CA ASP A 28 -16.56 2.08 -19.59
C ASP A 28 -17.60 2.70 -18.67
N GLY A 29 -17.17 3.40 -17.62
CA GLY A 29 -18.12 4.00 -16.70
C GLY A 29 -18.98 2.96 -15.98
N LEU A 30 -18.33 2.02 -15.31
CA LEU A 30 -19.00 0.94 -14.59
C LEU A 30 -19.51 1.34 -13.23
N THR A 31 -20.37 0.49 -12.68
CA THR A 31 -20.96 0.70 -11.38
C THR A 31 -21.09 -0.69 -10.75
N TYR A 32 -21.46 -0.73 -9.47
CA TYR A 32 -21.62 -1.97 -8.73
C TYR A 32 -22.34 -3.10 -9.48
N ASN A 33 -23.49 -2.78 -10.07
CA ASN A 33 -24.26 -3.80 -10.79
C ASN A 33 -23.62 -4.28 -12.09
N ASP A 34 -22.57 -3.61 -12.54
CA ASP A 34 -21.92 -3.97 -13.80
C ASP A 34 -20.85 -5.04 -13.68
N PHE A 35 -20.54 -5.50 -12.47
CA PHE A 35 -19.51 -6.53 -12.33
C PHE A 35 -19.71 -7.48 -11.16
N LEU A 36 -18.89 -8.53 -11.14
CA LEU A 36 -18.93 -9.55 -10.09
C LEU A 36 -17.51 -9.83 -9.61
N ILE A 37 -17.39 -10.42 -8.43
CA ILE A 37 -16.08 -10.79 -7.92
C ILE A 37 -16.13 -12.32 -8.00
N LEU A 38 -15.12 -12.90 -8.63
CA LEU A 38 -15.05 -14.35 -8.80
C LEU A 38 -14.58 -15.01 -7.50
N PRO A 39 -15.24 -16.13 -7.12
CA PRO A 39 -14.91 -16.86 -5.89
C PRO A 39 -13.51 -17.48 -5.90
N GLY A 40 -12.93 -17.60 -4.71
CA GLY A 40 -11.60 -18.16 -4.57
C GLY A 40 -11.55 -19.50 -3.86
N TYR A 41 -10.66 -19.59 -2.88
CA TYR A 41 -10.46 -20.80 -2.09
C TYR A 41 -10.83 -20.60 -0.64
N ILE A 42 -11.68 -21.48 -0.12
CA ILE A 42 -12.14 -21.35 1.27
C ILE A 42 -11.45 -22.33 2.20
N ASP A 43 -10.82 -21.80 3.24
CA ASP A 43 -10.16 -22.64 4.23
C ASP A 43 -10.38 -22.09 5.64
N PHE A 44 -11.53 -21.43 5.81
CA PHE A 44 -11.90 -20.85 7.08
C PHE A 44 -13.40 -20.63 7.02
N THR A 45 -13.99 -20.25 8.14
CA THR A 45 -15.43 -20.04 8.19
C THR A 45 -15.81 -18.57 8.14
N ALA A 46 -17.04 -18.30 7.75
CA ALA A 46 -17.52 -16.92 7.64
C ALA A 46 -17.33 -16.17 8.94
N ASP A 47 -17.60 -16.83 10.06
CA ASP A 47 -17.46 -16.17 11.36
C ASP A 47 -16.02 -15.80 11.74
N GLN A 48 -15.06 -16.26 10.94
CA GLN A 48 -13.67 -15.96 11.22
C GLN A 48 -13.20 -14.71 10.49
N VAL A 49 -14.08 -14.12 9.69
CA VAL A 49 -13.74 -12.93 8.92
C VAL A 49 -13.74 -11.66 9.77
N ASP A 50 -12.67 -10.89 9.66
CA ASP A 50 -12.54 -9.65 10.42
C ASP A 50 -12.85 -8.42 9.58
N LEU A 51 -13.76 -7.58 10.05
CA LEU A 51 -14.16 -6.38 9.33
C LEU A 51 -13.59 -5.07 9.89
N THR A 52 -12.58 -5.15 10.76
CA THR A 52 -11.98 -3.95 11.34
C THR A 52 -11.61 -2.99 10.21
N SER A 53 -12.06 -1.75 10.33
CA SER A 53 -11.82 -0.77 9.29
C SER A 53 -11.48 0.61 9.81
N ALA A 54 -10.65 1.33 9.07
CA ALA A 54 -10.23 2.66 9.43
C ALA A 54 -11.26 3.69 8.97
N LEU A 55 -11.88 4.38 9.91
CA LEU A 55 -12.84 5.41 9.55
C LEU A 55 -12.03 6.58 9.03
N THR A 56 -11.00 6.97 9.78
CA THR A 56 -10.15 8.07 9.37
C THR A 56 -8.72 7.67 9.72
N LYS A 57 -7.78 8.58 9.51
CA LYS A 57 -6.39 8.33 9.81
C LYS A 57 -6.17 7.84 11.24
N LYS A 58 -7.09 8.17 12.14
CA LYS A 58 -6.94 7.74 13.52
C LYS A 58 -8.18 7.08 14.14
N ILE A 59 -9.33 7.17 13.48
CA ILE A 59 -10.54 6.52 14.01
C ILE A 59 -10.62 5.16 13.32
N THR A 60 -10.77 4.11 14.11
CA THR A 60 -10.87 2.77 13.58
C THR A 60 -12.04 2.04 14.23
N LEU A 61 -12.93 1.52 13.40
CA LEU A 61 -14.12 0.81 13.87
C LEU A 61 -13.96 -0.69 13.64
N LYS A 62 -14.87 -1.45 14.22
CA LYS A 62 -14.86 -2.90 14.07
C LYS A 62 -15.53 -3.29 12.77
N THR A 63 -16.41 -2.42 12.28
CA THR A 63 -17.12 -2.67 11.03
C THR A 63 -16.93 -1.45 10.12
N PRO A 64 -17.10 -1.62 8.81
CA PRO A 64 -16.93 -0.52 7.87
C PRO A 64 -18.23 0.21 7.59
N LEU A 65 -19.13 0.23 8.56
CA LEU A 65 -20.43 0.85 8.34
C LEU A 65 -20.55 2.26 8.94
N VAL A 66 -21.23 3.15 8.21
CA VAL A 66 -21.41 4.53 8.65
C VAL A 66 -22.80 5.03 8.22
N SER A 67 -23.51 5.76 9.10
CA SER A 67 -24.81 6.28 8.73
C SER A 67 -24.61 7.69 8.20
N SER A 68 -25.30 8.01 7.11
CA SER A 68 -25.17 9.31 6.47
C SER A 68 -25.73 10.49 7.26
N PRO A 69 -25.09 11.66 7.12
CA PRO A 69 -25.54 12.87 7.81
C PRO A 69 -26.76 13.42 7.05
N MET A 70 -27.96 12.95 7.40
CA MET A 70 -29.18 13.40 6.73
C MET A 70 -30.32 13.53 7.72
N ASP A 71 -31.27 14.41 7.40
CA ASP A 71 -32.46 14.67 8.21
C ASP A 71 -33.18 13.42 8.66
N THR A 72 -33.41 12.52 7.72
CA THR A 72 -34.14 11.28 7.96
C THR A 72 -33.29 10.04 8.22
N VAL A 73 -32.04 10.23 8.62
CA VAL A 73 -31.21 9.07 8.88
C VAL A 73 -30.51 9.17 10.22
N THR A 74 -29.66 10.18 10.35
CA THR A 74 -28.87 10.33 11.56
C THR A 74 -29.10 11.45 12.55
N GLU A 75 -29.44 11.03 13.76
CA GLU A 75 -29.63 11.88 14.92
C GLU A 75 -29.07 11.04 16.07
N ALA A 76 -29.26 11.45 17.31
CA ALA A 76 -28.73 10.71 18.44
C ALA A 76 -29.02 9.22 18.36
N GLY A 77 -30.30 8.88 18.28
CA GLY A 77 -30.70 7.48 18.22
C GLY A 77 -29.90 6.62 17.27
N MET A 78 -29.77 7.06 16.02
CA MET A 78 -29.02 6.33 15.01
C MET A 78 -27.55 6.28 15.37
N ALA A 79 -26.96 7.44 15.67
CA ALA A 79 -25.55 7.53 16.03
C ALA A 79 -25.18 6.59 17.17
N ILE A 80 -26.07 6.47 18.16
CA ILE A 80 -25.84 5.59 19.29
C ILE A 80 -25.92 4.13 18.87
N ALA A 81 -27.02 3.77 18.21
CA ALA A 81 -27.24 2.40 17.77
C ALA A 81 -26.13 1.92 16.86
N MET A 82 -25.74 2.78 15.94
CA MET A 82 -24.69 2.49 14.98
C MET A 82 -23.34 2.25 15.68
N ALA A 83 -23.05 3.04 16.71
CA ALA A 83 -21.80 2.88 17.44
C ALA A 83 -21.81 1.58 18.24
N LEU A 84 -22.95 1.30 18.87
CA LEU A 84 -23.11 0.09 19.68
C LEU A 84 -22.92 -1.17 18.86
N THR A 85 -23.28 -1.12 17.58
CA THR A 85 -23.16 -2.30 16.73
C THR A 85 -21.81 -2.47 16.05
N GLY A 86 -20.97 -1.45 16.08
CA GLY A 86 -19.66 -1.57 15.46
C GLY A 86 -19.29 -0.49 14.47
N GLY A 87 -20.27 0.32 14.06
CA GLY A 87 -20.01 1.38 13.12
C GLY A 87 -19.97 2.74 13.79
N ILE A 88 -20.45 3.77 13.09
CA ILE A 88 -20.48 5.13 13.63
C ILE A 88 -21.56 5.92 12.89
N GLY A 89 -21.96 7.05 13.46
CA GLY A 89 -22.96 7.87 12.82
C GLY A 89 -22.52 9.32 12.74
N PHE A 90 -23.04 10.04 11.76
CA PHE A 90 -22.75 11.46 11.56
C PHE A 90 -24.06 12.23 11.64
N ILE A 91 -24.19 13.07 12.67
CA ILE A 91 -25.41 13.87 12.86
C ILE A 91 -25.53 14.91 11.76
N HIS A 92 -26.74 15.13 11.27
CA HIS A 92 -26.98 16.11 10.22
C HIS A 92 -26.86 17.52 10.80
N HIS A 93 -26.62 18.50 9.94
CA HIS A 93 -26.50 19.87 10.39
C HIS A 93 -27.66 20.74 9.92
N ASN A 94 -28.74 20.09 9.50
CA ASN A 94 -29.93 20.81 9.05
C ASN A 94 -30.77 21.06 10.29
N CYS A 95 -30.16 21.71 11.27
CA CYS A 95 -30.78 22.05 12.55
C CYS A 95 -29.94 23.16 13.17
N THR A 96 -30.31 23.62 14.36
CA THR A 96 -29.55 24.69 15.01
C THR A 96 -28.27 24.13 15.60
N PRO A 97 -27.22 24.96 15.72
CA PRO A 97 -25.95 24.51 16.28
C PRO A 97 -26.19 23.91 17.67
N GLU A 98 -27.13 24.52 18.41
CA GLU A 98 -27.50 24.07 19.75
C GLU A 98 -28.06 22.65 19.71
N PHE A 99 -29.05 22.44 18.83
CA PHE A 99 -29.71 21.16 18.66
C PHE A 99 -28.73 20.09 18.27
N GLN A 100 -27.93 20.38 17.25
CA GLN A 100 -26.94 19.43 16.76
C GLN A 100 -25.96 19.04 17.85
N ALA A 101 -25.44 20.04 18.54
CA ALA A 101 -24.50 19.81 19.63
C ALA A 101 -25.15 18.98 20.74
N ASN A 102 -26.45 19.17 20.96
CA ASN A 102 -27.15 18.40 21.99
C ASN A 102 -27.24 16.96 21.54
N GLU A 103 -27.41 16.75 20.24
CA GLU A 103 -27.49 15.40 19.69
C GLU A 103 -26.14 14.70 19.88
N VAL A 104 -25.05 15.46 19.75
CA VAL A 104 -23.71 14.90 19.94
C VAL A 104 -23.53 14.55 21.42
N ARG A 105 -23.96 15.46 22.29
CA ARG A 105 -23.86 15.29 23.73
C ARG A 105 -24.64 14.06 24.20
N LYS A 106 -25.85 13.87 23.67
CA LYS A 106 -26.67 12.71 24.06
C LYS A 106 -25.90 11.43 23.76
N VAL A 107 -25.38 11.35 22.54
CA VAL A 107 -24.62 10.19 22.09
C VAL A 107 -23.38 10.02 22.95
N LYS A 108 -22.62 11.09 23.13
CA LYS A 108 -21.41 11.04 23.94
C LYS A 108 -21.65 10.60 25.40
N LYS A 109 -22.75 11.05 25.99
CA LYS A 109 -23.08 10.71 27.37
C LYS A 109 -23.89 9.43 27.52
N TYR A 110 -24.14 8.74 26.43
CA TYR A 110 -24.93 7.51 26.51
C TYR A 110 -24.21 6.43 27.33
N GLU A 111 -22.90 6.35 27.19
CA GLU A 111 -22.11 5.37 27.92
C GLU A 111 -20.85 6.10 28.38
N GLN A 112 -20.49 5.95 29.64
CA GLN A 112 -19.32 6.65 30.17
C GLN A 112 -18.29 5.83 30.96
N GLY A 113 -18.76 4.97 31.85
CA GLY A 113 -17.83 4.21 32.66
C GLY A 113 -17.45 5.04 33.87
N PHE A 114 -16.19 5.45 33.96
CA PHE A 114 -15.71 6.25 35.10
C PHE A 114 -16.17 7.69 35.06
N ILE A 115 -17.36 7.95 35.62
CA ILE A 115 -17.91 9.30 35.63
C ILE A 115 -17.16 10.14 36.68
N THR A 116 -16.62 11.28 36.25
CA THR A 116 -15.86 12.15 37.15
C THR A 116 -16.63 13.33 37.75
N ASP A 117 -17.32 14.09 36.92
CA ASP A 117 -18.08 15.24 37.40
C ASP A 117 -18.85 14.94 38.68
N PRO A 118 -19.66 13.88 38.64
CA PRO A 118 -20.45 13.50 39.79
C PRO A 118 -19.62 12.63 40.73
N VAL A 119 -18.38 13.04 40.99
CA VAL A 119 -17.50 12.29 41.89
C VAL A 119 -16.13 12.95 42.12
N VAL A 120 -16.11 14.00 42.94
CA VAL A 120 -14.87 14.71 43.26
C VAL A 120 -15.16 15.94 44.10
N ASP A 125 -21.30 12.08 43.62
CA ASP A 125 -21.56 13.55 43.54
C ASP A 125 -20.28 14.27 43.93
N ARG A 126 -20.34 15.60 44.00
CA ARG A 126 -19.18 16.39 44.38
C ARG A 126 -18.86 16.14 45.85
N VAL A 127 -17.59 16.25 46.20
CA VAL A 127 -17.15 16.05 47.58
C VAL A 127 -16.56 17.36 48.11
N ARG A 128 -15.29 17.61 47.77
CA ARG A 128 -14.57 18.82 48.18
C ARG A 128 -14.86 19.26 49.62
N PHE A 131 -25.88 9.64 50.33
CA PHE A 131 -25.80 8.43 51.18
C PHE A 131 -24.38 8.19 51.68
N GLU A 132 -23.50 7.77 50.77
CA GLU A 132 -22.10 7.48 51.09
C GLU A 132 -21.42 8.55 51.93
N ALA A 133 -20.43 8.12 52.72
CA ALA A 133 -19.66 9.02 53.57
C ALA A 133 -18.18 8.94 53.22
N LYS A 134 -17.88 9.00 51.93
CA LYS A 134 -16.51 8.91 51.44
C LYS A 134 -15.84 10.28 51.40
N MET A 150 -12.95 10.72 52.44
CA MET A 150 -12.34 12.07 52.60
C MET A 150 -13.19 13.10 51.87
N GLY A 151 -12.90 14.37 52.12
CA GLY A 151 -13.62 15.50 51.54
C GLY A 151 -14.99 15.61 52.23
N SER A 152 -16.07 15.34 51.50
CA SER A 152 -17.41 15.39 52.08
C SER A 152 -18.39 14.68 51.15
N ARG A 153 -17.87 13.73 50.38
CA ARG A 153 -18.68 12.98 49.41
C ARG A 153 -19.93 12.38 50.04
N LEU A 154 -21.05 13.01 49.73
CA LEU A 154 -22.36 12.55 50.21
C LEU A 154 -22.83 11.30 49.46
N VAL A 155 -22.28 11.08 48.27
CA VAL A 155 -22.62 9.93 47.43
C VAL A 155 -21.63 9.78 46.29
N ILE A 178 -21.64 11.23 54.17
CA ILE A 178 -23.09 11.44 54.41
C ILE A 178 -23.62 10.29 55.26
N MET A 179 -24.92 10.02 55.16
CA MET A 179 -25.57 8.98 55.94
C MET A 179 -24.82 7.66 55.93
N THR A 180 -25.08 6.82 54.94
CA THR A 180 -24.42 5.53 54.85
C THR A 180 -22.91 5.75 54.89
N LYS A 181 -22.34 5.49 56.06
CA LYS A 181 -20.92 5.68 56.29
C LYS A 181 -19.99 4.80 55.47
N ARG A 182 -18.80 5.34 55.22
CA ARG A 182 -17.75 4.66 54.49
C ARG A 182 -17.13 3.60 55.41
N GLU A 183 -17.79 2.45 55.48
CA GLU A 183 -17.34 1.32 56.29
C GLU A 183 -18.28 0.16 56.02
N ASP A 184 -19.56 0.50 55.82
CA ASP A 184 -20.59 -0.50 55.51
C ASP A 184 -20.70 -0.62 53.99
N LEU A 185 -20.23 0.42 53.30
CA LEU A 185 -20.26 0.50 51.84
C LEU A 185 -19.07 -0.10 51.11
N VAL A 186 -19.33 -0.75 49.98
CA VAL A 186 -18.25 -1.33 49.18
C VAL A 186 -17.66 -0.25 48.27
N VAL A 187 -16.34 -0.23 48.23
CA VAL A 187 -15.59 0.74 47.47
C VAL A 187 -14.58 0.00 46.58
N ALA A 188 -13.99 0.72 45.62
CA ALA A 188 -12.98 0.15 44.73
C ALA A 188 -11.83 1.13 44.61
N PRO A 189 -10.59 0.61 44.61
CA PRO A 189 -9.36 1.42 44.50
C PRO A 189 -9.23 2.13 43.16
N ALA A 190 -8.50 3.23 43.15
CA ALA A 190 -8.26 3.97 41.92
C ALA A 190 -7.17 3.22 41.17
N GLY A 191 -7.28 3.15 39.86
CA GLY A 191 -6.30 2.44 39.07
C GLY A 191 -6.83 1.12 38.57
N ILE A 192 -7.97 0.68 39.10
CA ILE A 192 -8.57 -0.57 38.66
C ILE A 192 -9.11 -0.33 37.25
N THR A 193 -9.71 -1.35 36.67
CA THR A 193 -10.28 -1.21 35.35
C THR A 193 -11.76 -1.56 35.43
N LEU A 194 -12.46 -1.35 34.31
CA LEU A 194 -13.88 -1.62 34.21
C LEU A 194 -14.22 -3.08 34.51
N LYS A 195 -13.36 -3.99 34.04
CA LYS A 195 -13.57 -5.42 34.27
C LYS A 195 -13.60 -5.67 35.77
N GLU A 196 -12.58 -5.16 36.46
CA GLU A 196 -12.46 -5.30 37.91
C GLU A 196 -13.70 -4.69 38.56
N ALA A 197 -14.01 -3.47 38.14
CA ALA A 197 -15.15 -2.71 38.64
C ALA A 197 -16.47 -3.48 38.60
N ASN A 198 -16.70 -4.20 37.52
CA ASN A 198 -17.92 -4.99 37.34
C ASN A 198 -18.11 -6.04 38.44
N GLU A 199 -17.11 -6.92 38.58
CA GLU A 199 -17.18 -7.98 39.56
C GLU A 199 -17.24 -7.45 40.98
N ILE A 200 -16.33 -6.52 41.31
CA ILE A 200 -16.22 -5.91 42.63
C ILE A 200 -17.55 -5.62 43.33
N LEU A 201 -18.60 -5.34 42.58
CA LEU A 201 -19.90 -5.08 43.17
C LEU A 201 -20.94 -5.77 42.33
N GLN A 202 -20.87 -7.09 42.28
CA GLN A 202 -21.81 -7.87 41.49
C GLN A 202 -23.24 -7.77 42.00
N ARG A 203 -23.87 -6.64 41.68
CA ARG A 203 -25.25 -6.34 42.05
C ARG A 203 -25.72 -5.10 41.28
N SER A 204 -26.13 -4.06 42.00
CA SER A 204 -26.61 -2.86 41.33
C SER A 204 -26.19 -1.58 42.07
N LYS A 205 -26.43 -0.45 41.43
CA LYS A 205 -26.08 0.83 42.01
C LYS A 205 -24.93 1.45 41.27
N LEU A 209 -20.38 2.14 41.89
CA LEU A 209 -19.24 1.77 42.68
C LEU A 209 -18.40 3.02 42.91
N PRO A 210 -18.38 3.52 44.16
CA PRO A 210 -17.58 4.72 44.43
C PRO A 210 -16.09 4.37 44.36
N ILE A 211 -15.35 5.10 43.53
CA ILE A 211 -13.92 4.86 43.41
C ILE A 211 -13.24 5.76 44.39
N VAL A 212 -12.30 5.21 45.13
CA VAL A 212 -11.59 5.94 46.16
C VAL A 212 -10.10 6.13 45.88
N ASN A 213 -9.62 7.35 46.15
CA ASN A 213 -8.24 7.73 45.95
C ASN A 213 -7.58 7.70 47.33
N GLU A 214 -6.43 7.03 47.40
CA GLU A 214 -5.63 6.88 48.62
C GLU A 214 -6.18 7.47 49.91
N ASN A 215 -6.33 8.78 49.96
CA ASN A 215 -6.86 9.44 51.15
C ASN A 215 -8.31 9.06 51.40
N ASP A 216 -8.79 8.03 50.70
CA ASP A 216 -10.17 7.56 50.82
C ASP A 216 -11.09 8.68 50.36
N GLU A 217 -10.63 9.41 49.35
CA GLU A 217 -11.36 10.54 48.78
C GLU A 217 -12.01 10.15 47.46
N LEU A 218 -13.30 10.43 47.33
CA LEU A 218 -14.05 10.11 46.12
C LEU A 218 -13.38 10.67 44.88
N VAL A 219 -12.76 9.80 44.11
CA VAL A 219 -12.03 10.20 42.90
C VAL A 219 -12.87 9.95 41.64
N ALA A 220 -13.88 9.09 41.74
CA ALA A 220 -14.76 8.79 40.61
C ALA A 220 -15.85 7.85 41.07
N ILE A 221 -16.74 7.51 40.15
CA ILE A 221 -17.85 6.59 40.39
C ILE A 221 -18.06 5.84 39.08
N ILE A 222 -18.76 4.71 39.14
CA ILE A 222 -19.07 3.91 37.95
C ILE A 222 -20.45 3.30 38.14
N ALA A 223 -21.38 3.73 37.31
CA ALA A 223 -22.76 3.24 37.40
C ALA A 223 -22.86 1.84 36.83
N ARG A 224 -23.59 0.98 37.52
CA ARG A 224 -23.77 -0.41 37.08
C ARG A 224 -24.24 -0.45 35.63
N THR A 225 -25.16 0.44 35.27
CA THR A 225 -25.73 0.50 33.91
C THR A 225 -24.68 0.61 32.80
N ASP A 226 -23.61 1.35 33.05
CA ASP A 226 -22.54 1.49 32.07
C ASP A 226 -21.82 0.17 31.88
N LEU A 227 -21.57 -0.54 32.97
CA LEU A 227 -20.88 -1.82 32.93
C LEU A 227 -21.75 -2.82 32.15
N LYS A 228 -23.06 -2.60 32.16
CA LYS A 228 -24.01 -3.44 31.44
C LYS A 228 -23.87 -3.17 29.94
N LYS A 229 -24.02 -1.90 29.54
CA LYS A 229 -23.92 -1.50 28.14
C LYS A 229 -22.59 -1.92 27.56
N ASN A 230 -21.54 -1.80 28.38
CA ASN A 230 -20.21 -2.19 27.94
C ASN A 230 -20.12 -3.67 27.68
N ARG A 231 -20.71 -4.48 28.57
CA ARG A 231 -20.66 -5.93 28.45
C ARG A 231 -21.61 -6.46 27.39
N ASP A 232 -22.68 -5.72 27.13
CA ASP A 232 -23.68 -6.11 26.14
C ASP A 232 -23.23 -5.89 24.70
N TYR A 233 -22.40 -4.87 24.48
CA TYR A 233 -21.95 -4.55 23.14
C TYR A 233 -20.44 -4.60 22.95
N PRO A 234 -19.90 -5.79 22.68
CA PRO A 234 -18.47 -6.06 22.46
C PRO A 234 -17.85 -5.36 21.27
N LEU A 235 -18.67 -4.88 20.35
CA LEU A 235 -18.17 -4.20 19.17
C LEU A 235 -18.28 -2.69 19.24
N ALA A 236 -18.85 -2.20 20.35
CA ALA A 236 -19.06 -0.77 20.56
C ALA A 236 -17.89 0.15 20.17
N SER A 237 -18.19 1.13 19.33
CA SER A 237 -17.20 2.11 18.89
C SER A 237 -17.12 3.19 19.97
N LYS A 238 -16.19 2.99 20.92
CA LYS A 238 -15.98 3.90 22.06
C LYS A 238 -14.65 4.65 21.96
N ASP A 239 -14.56 5.83 22.57
CA ASP A 239 -13.32 6.61 22.53
C ASP A 239 -12.45 6.25 23.74
N ALA A 240 -11.34 6.96 23.91
CA ALA A 240 -10.41 6.68 25.01
C ALA A 240 -11.08 6.75 26.39
N LYS A 241 -12.21 7.42 26.47
CA LYS A 241 -12.91 7.58 27.73
C LYS A 241 -14.10 6.62 27.89
N LYS A 242 -14.10 5.55 27.09
CA LYS A 242 -15.17 4.55 27.12
C LYS A 242 -16.56 5.08 26.78
N GLN A 243 -16.59 6.14 25.98
CA GLN A 243 -17.83 6.76 25.51
C GLN A 243 -18.06 6.41 24.05
N LEU A 244 -19.32 6.32 23.64
CA LEU A 244 -19.62 6.02 22.25
C LEU A 244 -19.14 7.18 21.40
N LEU A 245 -18.22 6.92 20.48
CA LEU A 245 -17.73 8.00 19.65
C LEU A 245 -18.83 8.48 18.71
N CYS A 246 -18.77 9.75 18.33
CA CYS A 246 -19.78 10.35 17.48
C CYS A 246 -19.11 11.31 16.50
N GLY A 247 -19.71 11.45 15.33
CA GLY A 247 -19.19 12.35 14.32
C GLY A 247 -20.33 13.26 13.91
N ALA A 248 -20.03 14.41 13.35
CA ALA A 248 -21.07 15.35 12.94
C ALA A 248 -20.72 15.99 11.61
N ALA A 249 -21.73 16.44 10.87
CA ALA A 249 -21.51 17.06 9.57
C ALA A 249 -21.73 18.57 9.64
N ILE A 250 -20.82 19.34 9.06
CA ILE A 250 -20.96 20.79 9.02
C ILE A 250 -20.73 21.30 7.60
N GLY A 251 -21.15 22.54 7.36
CA GLY A 251 -20.95 23.14 6.07
C GLY A 251 -19.59 23.80 6.05
N THR A 252 -19.35 24.68 5.09
CA THR A 252 -18.07 25.36 4.96
C THR A 252 -18.14 26.88 5.06
N HIS A 253 -19.32 27.42 5.33
CA HIS A 253 -19.48 28.85 5.46
C HIS A 253 -18.90 29.25 6.83
N GLU A 254 -18.59 30.54 7.00
CA GLU A 254 -18.03 31.05 8.26
C GLU A 254 -18.88 30.63 9.46
N ASP A 255 -20.20 30.60 9.26
CA ASP A 255 -21.15 30.22 10.30
C ASP A 255 -20.79 28.87 10.90
N ASP A 256 -20.23 28.01 10.06
CA ASP A 256 -19.87 26.67 10.48
C ASP A 256 -18.74 26.63 11.48
N LYS A 257 -18.04 27.75 11.63
CA LYS A 257 -16.96 27.80 12.60
C LYS A 257 -17.55 27.83 14.01
N TYR A 258 -18.64 28.59 14.18
CA TYR A 258 -19.34 28.70 15.45
C TYR A 258 -19.95 27.34 15.80
N ARG A 259 -20.70 26.80 14.86
CA ARG A 259 -21.33 25.49 15.03
C ARG A 259 -20.27 24.47 15.42
N LEU A 260 -19.14 24.50 14.73
CA LEU A 260 -18.02 23.60 15.00
C LEU A 260 -17.59 23.72 16.45
N ASP A 261 -17.50 24.96 16.92
CA ASP A 261 -17.08 25.20 18.29
C ASP A 261 -18.04 24.55 19.26
N LEU A 262 -19.34 24.66 19.00
CA LEU A 262 -20.34 24.04 19.86
C LEU A 262 -20.24 22.52 19.79
N LEU A 263 -19.90 22.01 18.61
CA LEU A 263 -19.76 20.58 18.40
C LEU A 263 -18.51 20.09 19.11
N ALA A 264 -17.48 20.94 19.17
CA ALA A 264 -16.23 20.60 19.85
C ALA A 264 -16.55 20.43 21.33
N LEU A 265 -17.19 21.44 21.90
CA LEU A 265 -17.60 21.42 23.30
C LEU A 265 -18.48 20.21 23.60
N ALA A 266 -19.24 19.76 22.60
CA ALA A 266 -20.12 18.61 22.74
C ALA A 266 -19.32 17.31 22.82
N GLY A 267 -18.09 17.36 22.33
CA GLY A 267 -17.25 16.17 22.35
C GLY A 267 -17.31 15.33 21.09
N VAL A 268 -17.62 15.96 19.96
CA VAL A 268 -17.69 15.27 18.68
C VAL A 268 -16.29 14.72 18.41
N ASP A 269 -16.22 13.54 17.81
CA ASP A 269 -14.93 12.90 17.52
C ASP A 269 -14.41 13.12 16.09
N VAL A 270 -15.31 13.11 15.13
CA VAL A 270 -14.95 13.29 13.73
C VAL A 270 -15.95 14.23 13.10
N VAL A 271 -15.47 15.07 12.20
CA VAL A 271 -16.35 16.01 11.51
C VAL A 271 -16.20 15.94 10.00
N VAL A 272 -17.32 15.83 9.30
CA VAL A 272 -17.30 15.77 7.86
C VAL A 272 -17.84 17.07 7.28
N LEU A 273 -17.09 17.62 6.33
CA LEU A 273 -17.48 18.85 5.64
C LEU A 273 -18.44 18.42 4.52
N ASP A 274 -19.69 18.85 4.68
CA ASP A 274 -20.80 18.53 3.77
C ASP A 274 -20.88 19.34 2.48
N SER A 275 -20.70 18.65 1.35
CA SER A 275 -20.77 19.30 0.04
C SER A 275 -20.86 18.28 -1.09
N SER A 276 -21.56 18.67 -2.16
CA SER A 276 -21.73 17.82 -3.33
C SER A 276 -20.48 17.87 -4.20
N GLN A 277 -19.68 18.92 -4.02
CA GLN A 277 -18.45 19.08 -4.79
C GLN A 277 -17.47 19.74 -3.83
N GLY A 278 -16.79 18.92 -3.02
CA GLY A 278 -15.87 19.43 -2.04
C GLY A 278 -14.52 19.94 -2.49
N ASN A 279 -14.21 19.90 -3.78
CA ASN A 279 -12.92 20.40 -4.24
C ASN A 279 -13.01 21.90 -4.49
N SER A 280 -13.12 22.67 -3.41
CA SER A 280 -13.26 24.10 -3.53
C SER A 280 -12.35 24.86 -2.59
N ILE A 281 -12.08 26.12 -2.93
CA ILE A 281 -11.23 26.95 -2.09
C ILE A 281 -11.89 27.15 -0.73
N PHE A 282 -13.23 27.12 -0.70
CA PHE A 282 -13.98 27.29 0.54
C PHE A 282 -13.69 26.15 1.50
N GLN A 283 -13.77 24.91 1.00
CA GLN A 283 -13.53 23.77 1.87
C GLN A 283 -12.06 23.59 2.22
N ILE A 284 -11.20 23.86 1.25
CA ILE A 284 -9.75 23.74 1.48
C ILE A 284 -9.36 24.62 2.66
N ASN A 285 -9.76 25.88 2.61
CA ASN A 285 -9.44 26.82 3.69
C ASN A 285 -10.12 26.42 4.99
N MET A 286 -11.31 25.84 4.89
CA MET A 286 -12.03 25.41 6.08
C MET A 286 -11.27 24.26 6.73
N ILE A 287 -10.72 23.36 5.90
CA ILE A 287 -9.95 22.22 6.37
C ILE A 287 -8.74 22.74 7.14
N LYS A 288 -7.98 23.61 6.49
CA LYS A 288 -6.77 24.21 7.07
C LYS A 288 -7.07 24.90 8.40
N TYR A 289 -8.21 25.55 8.47
CA TYR A 289 -8.65 26.24 9.68
C TYR A 289 -8.80 25.24 10.82
N MET A 290 -9.63 24.23 10.59
CA MET A 290 -9.92 23.19 11.57
C MET A 290 -8.69 22.46 12.07
N LYS A 291 -7.78 22.12 11.15
CA LYS A 291 -6.55 21.42 11.52
C LYS A 291 -5.71 22.32 12.41
N GLU A 292 -5.83 23.63 12.21
CA GLU A 292 -5.09 24.60 12.99
C GLU A 292 -5.70 24.75 14.38
N LYS A 293 -6.97 25.15 14.42
CA LYS A 293 -7.68 25.35 15.67
C LYS A 293 -7.81 24.07 16.50
N TYR A 294 -8.11 22.97 15.83
CA TYR A 294 -8.28 21.69 16.49
C TYR A 294 -7.31 20.66 15.88
N PRO A 295 -6.01 20.75 16.21
CA PRO A 295 -4.96 19.86 15.70
C PRO A 295 -5.27 18.38 15.69
N ASN A 296 -5.95 17.91 16.73
CA ASN A 296 -6.25 16.50 16.85
C ASN A 296 -7.57 16.04 16.22
N LEU A 297 -8.49 16.98 15.98
CA LEU A 297 -9.79 16.66 15.41
C LEU A 297 -9.66 15.99 14.05
N GLN A 298 -10.42 14.91 13.89
CA GLN A 298 -10.41 14.16 12.64
C GLN A 298 -11.38 14.76 11.65
N VAL A 299 -10.85 15.19 10.50
CA VAL A 299 -11.66 15.82 9.46
C VAL A 299 -11.73 14.97 8.18
N ILE A 300 -12.92 14.93 7.59
CA ILE A 300 -13.19 14.17 6.37
C ILE A 300 -13.53 15.17 5.25
N GLY A 301 -12.96 14.97 4.07
CA GLY A 301 -13.16 15.88 2.95
C GLY A 301 -14.40 15.71 2.11
N GLY A 302 -15.05 16.84 1.82
CA GLY A 302 -16.29 16.94 1.03
C GLY A 302 -16.36 15.99 -0.13
N ASN A 303 -17.56 15.78 -0.70
CA ASN A 303 -17.68 14.79 -1.77
C ASN A 303 -16.84 14.97 -3.01
N VAL A 304 -15.97 13.98 -3.23
CA VAL A 304 -15.07 13.95 -4.39
C VAL A 304 -15.22 12.62 -5.14
N VAL A 305 -14.84 12.63 -6.42
CA VAL A 305 -14.91 11.42 -7.24
C VAL A 305 -13.69 11.21 -8.14
N THR A 306 -12.71 12.11 -8.07
CA THR A 306 -11.49 11.99 -8.88
C THR A 306 -10.25 12.25 -8.03
N ALA A 307 -9.11 11.69 -8.45
CA ALA A 307 -7.85 11.85 -7.73
C ALA A 307 -7.38 13.31 -7.67
N ALA A 308 -7.63 14.08 -8.71
CA ALA A 308 -7.24 15.48 -8.75
C ALA A 308 -7.95 16.25 -7.62
N GLN A 309 -9.22 15.94 -7.39
CA GLN A 309 -9.99 16.60 -6.33
C GLN A 309 -9.44 16.14 -4.98
N ALA A 310 -9.28 14.83 -4.82
CA ALA A 310 -8.76 14.27 -3.59
C ALA A 310 -7.45 14.93 -3.19
N LYS A 311 -6.54 15.12 -4.16
CA LYS A 311 -5.25 15.74 -3.88
C LYS A 311 -5.35 17.08 -3.18
N ASN A 312 -6.27 17.94 -3.62
CA ASN A 312 -6.41 19.25 -2.98
C ASN A 312 -6.82 19.13 -1.51
N LEU A 313 -7.80 18.27 -1.25
CA LEU A 313 -8.29 18.05 0.11
C LEU A 313 -7.25 17.31 0.96
N ILE A 314 -6.52 16.41 0.33
CA ILE A 314 -5.48 15.67 1.02
C ILE A 314 -4.39 16.67 1.41
N ASP A 315 -4.03 17.55 0.47
CA ASP A 315 -3.02 18.58 0.73
C ASP A 315 -3.52 19.54 1.80
N ALA A 316 -4.82 19.82 1.80
CA ALA A 316 -5.41 20.71 2.78
C ALA A 316 -5.31 20.06 4.15
N GLY A 317 -5.13 18.74 4.18
CA GLY A 317 -4.99 18.02 5.43
C GLY A 317 -6.10 17.10 5.90
N VAL A 318 -6.84 16.50 4.97
CA VAL A 318 -7.93 15.60 5.36
C VAL A 318 -7.46 14.28 5.96
N ASP A 319 -8.20 13.80 6.94
CA ASP A 319 -7.89 12.54 7.59
C ASP A 319 -8.61 11.36 6.93
N ALA A 320 -9.49 11.67 5.99
CA ALA A 320 -10.26 10.67 5.26
C ALA A 320 -10.98 11.42 4.15
N LEU A 321 -11.54 10.70 3.20
CA LEU A 321 -12.27 11.31 2.08
C LEU A 321 -13.67 10.70 1.91
N ARG A 322 -14.66 11.54 1.65
CA ARG A 322 -16.02 11.07 1.45
C ARG A 322 -16.15 11.05 -0.07
N VAL A 323 -16.23 9.85 -0.65
CA VAL A 323 -16.30 9.70 -2.09
C VAL A 323 -17.70 9.34 -2.59
N GLY A 324 -18.22 10.15 -3.51
CA GLY A 324 -19.53 9.91 -4.08
C GLY A 324 -20.17 11.16 -4.66
N MET A 325 -20.73 11.07 -5.85
CA MET A 325 -21.40 12.23 -6.44
C MET A 325 -22.58 11.89 -7.35
N GLY A 326 -23.79 12.09 -6.81
CA GLY A 326 -25.00 11.86 -7.57
C GLY A 326 -25.47 10.43 -7.72
N CYS A 327 -25.00 9.55 -6.87
CA CYS A 327 -25.38 8.14 -6.96
C CYS A 327 -26.28 7.72 -5.80
N GLY A 328 -26.52 8.65 -4.87
CA GLY A 328 -27.36 8.35 -3.73
C GLY A 328 -28.80 8.20 -4.18
N SER A 329 -29.50 7.21 -3.63
CA SER A 329 -30.89 6.91 -3.98
C SER A 329 -31.78 8.13 -4.28
N ILE A 330 -31.70 9.16 -3.43
CA ILE A 330 -32.49 10.38 -3.60
C ILE A 330 -31.79 11.49 -4.37
N CYS A 331 -30.81 11.14 -5.20
CA CYS A 331 -30.06 12.17 -5.91
C CYS A 331 -30.43 12.47 -7.36
N ILE A 332 -30.59 13.75 -7.68
CA ILE A 332 -30.90 14.16 -9.03
C ILE A 332 -29.84 15.13 -9.56
N THR A 333 -28.71 15.23 -8.85
CA THR A 333 -27.59 16.11 -9.26
C THR A 333 -27.08 15.76 -10.66
N GLN A 334 -26.99 14.47 -10.98
CA GLN A 334 -26.51 14.08 -12.30
C GLN A 334 -27.46 14.53 -13.39
N GLU A 335 -28.75 14.43 -13.13
CA GLU A 335 -29.75 14.83 -14.10
C GLU A 335 -29.87 16.33 -14.22
N VAL A 336 -29.81 17.03 -13.09
CA VAL A 336 -29.94 18.48 -13.10
C VAL A 336 -28.65 19.21 -13.45
N LEU A 337 -27.53 18.81 -12.86
CA LEU A 337 -26.27 19.49 -13.15
C LEU A 337 -25.29 18.80 -14.09
N ALA A 338 -25.64 17.62 -14.59
CA ALA A 338 -24.79 16.89 -15.54
C ALA A 338 -23.40 16.51 -15.01
N CYS A 339 -23.21 16.70 -13.71
CA CYS A 339 -21.93 16.42 -13.10
C CYS A 339 -22.06 15.29 -12.11
N GLY A 340 -21.02 14.45 -12.05
CA GLY A 340 -21.00 13.32 -11.15
C GLY A 340 -20.10 12.25 -11.74
N ARG A 341 -20.19 11.04 -11.22
CA ARG A 341 -19.38 9.92 -11.72
C ARG A 341 -19.94 8.57 -11.23
N PRO A 342 -19.90 7.52 -12.07
CA PRO A 342 -20.40 6.19 -11.69
C PRO A 342 -19.62 5.69 -10.46
N GLN A 343 -20.36 5.32 -9.41
CA GLN A 343 -19.76 4.91 -8.15
C GLN A 343 -18.63 3.91 -8.09
N ALA A 344 -18.85 2.70 -8.59
CA ALA A 344 -17.80 1.69 -8.53
C ALA A 344 -16.47 2.25 -9.02
N THR A 345 -16.53 3.01 -10.10
CA THR A 345 -15.32 3.59 -10.68
C THR A 345 -14.78 4.70 -9.80
N ALA A 346 -15.68 5.51 -9.24
CA ALA A 346 -15.26 6.60 -8.35
C ALA A 346 -14.50 6.04 -7.16
N VAL A 347 -15.03 4.98 -6.58
CA VAL A 347 -14.39 4.36 -5.42
C VAL A 347 -13.02 3.78 -5.71
N TYR A 348 -12.87 3.05 -6.82
CA TYR A 348 -11.59 2.45 -7.16
C TYR A 348 -10.53 3.49 -7.48
N LYS A 349 -10.84 4.43 -8.35
CA LYS A 349 -9.88 5.47 -8.73
C LYS A 349 -9.36 6.36 -7.60
N VAL A 350 -10.24 6.81 -6.70
CA VAL A 350 -9.80 7.69 -5.63
C VAL A 350 -9.08 6.95 -4.53
N SER A 351 -9.56 5.75 -4.20
CA SER A 351 -8.93 4.92 -3.17
C SER A 351 -7.53 4.49 -3.61
N GLU A 352 -7.41 4.15 -4.88
CA GLU A 352 -6.15 3.71 -5.45
C GLU A 352 -5.13 4.84 -5.27
N TYR A 353 -5.60 6.09 -5.38
CA TYR A 353 -4.75 7.27 -5.23
C TYR A 353 -4.52 7.66 -3.75
N ALA A 354 -5.61 7.85 -3.04
CA ALA A 354 -5.60 8.25 -1.64
C ALA A 354 -4.81 7.30 -0.76
N ARG A 355 -4.73 6.04 -1.16
CA ARG A 355 -3.99 5.04 -0.39
C ARG A 355 -2.50 5.35 -0.34
N ARG A 356 -1.99 6.01 -1.37
CA ARG A 356 -0.57 6.35 -1.44
C ARG A 356 -0.24 7.47 -0.44
N PHE A 357 -1.25 7.94 0.29
CA PHE A 357 -1.07 8.99 1.27
C PHE A 357 -1.70 8.56 2.59
N GLY A 358 -2.05 7.28 2.66
CA GLY A 358 -2.66 6.75 3.87
C GLY A 358 -3.98 7.41 4.24
N VAL A 359 -4.77 7.81 3.24
CA VAL A 359 -6.05 8.44 3.52
C VAL A 359 -7.20 7.51 3.18
N PRO A 360 -7.99 7.12 4.19
CA PRO A 360 -9.14 6.22 4.04
C PRO A 360 -10.24 6.85 3.17
N VAL A 361 -10.86 6.04 2.32
CA VAL A 361 -11.95 6.50 1.46
C VAL A 361 -13.24 5.90 1.96
N ILE A 362 -14.30 6.72 2.02
CA ILE A 362 -15.63 6.33 2.45
C ILE A 362 -16.49 6.22 1.19
N ALA A 363 -16.88 5.01 0.82
CA ALA A 363 -17.74 4.83 -0.36
C ALA A 363 -19.11 5.29 0.04
N ASP A 364 -19.45 6.51 -0.38
CA ASP A 364 -20.71 7.14 -0.02
C ASP A 364 -21.71 7.27 -1.16
N GLY A 365 -22.80 6.52 -1.07
CA GLY A 365 -23.85 6.55 -2.08
C GLY A 365 -24.01 5.34 -2.99
N GLY A 366 -25.27 5.04 -3.31
CA GLY A 366 -25.58 3.92 -4.20
C GLY A 366 -25.60 2.54 -3.56
N ILE A 367 -25.42 2.46 -2.25
CA ILE A 367 -25.45 1.18 -1.55
C ILE A 367 -26.91 0.79 -1.35
N GLN A 368 -27.37 -0.19 -2.13
CA GLN A 368 -28.74 -0.67 -2.06
C GLN A 368 -28.83 -2.03 -1.35
N ASN A 369 -27.69 -2.68 -1.14
CA ASN A 369 -27.67 -3.99 -0.49
C ASN A 369 -26.26 -4.42 -0.10
N VAL A 370 -26.15 -5.61 0.49
CA VAL A 370 -24.86 -6.14 0.93
C VAL A 370 -23.83 -6.32 -0.18
N GLY A 371 -24.26 -6.75 -1.36
CA GLY A 371 -23.33 -6.96 -2.45
C GLY A 371 -22.54 -5.70 -2.73
N HIS A 372 -23.24 -4.57 -2.72
CA HIS A 372 -22.63 -3.27 -2.97
C HIS A 372 -21.57 -2.96 -1.93
N ILE A 373 -21.91 -3.17 -0.66
CA ILE A 373 -20.96 -2.91 0.43
C ILE A 373 -19.65 -3.68 0.20
N ALA A 374 -19.77 -4.98 -0.02
CA ALA A 374 -18.61 -5.84 -0.27
C ALA A 374 -17.80 -5.37 -1.48
N LYS A 375 -18.49 -4.92 -2.52
CA LYS A 375 -17.84 -4.45 -3.74
C LYS A 375 -17.09 -3.14 -3.51
N ALA A 376 -17.66 -2.24 -2.71
CA ALA A 376 -17.00 -0.96 -2.41
C ALA A 376 -15.68 -1.25 -1.71
N LEU A 377 -15.76 -2.11 -0.70
CA LEU A 377 -14.60 -2.49 0.09
C LEU A 377 -13.54 -3.17 -0.78
N ALA A 378 -13.99 -4.10 -1.62
CA ALA A 378 -13.11 -4.83 -2.51
C ALA A 378 -12.39 -3.90 -3.50
N LEU A 379 -13.00 -2.75 -3.79
CA LEU A 379 -12.41 -1.80 -4.73
C LEU A 379 -11.50 -0.75 -4.11
N GLY A 380 -11.37 -0.77 -2.80
CA GLY A 380 -10.49 0.20 -2.14
C GLY A 380 -11.08 1.01 -1.01
N ALA A 381 -12.39 1.00 -0.81
CA ALA A 381 -12.96 1.79 0.27
C ALA A 381 -12.67 1.19 1.64
N SER A 382 -12.39 2.05 2.61
CA SER A 382 -12.13 1.59 3.97
C SER A 382 -13.44 1.46 4.76
N THR A 383 -14.42 2.27 4.41
CA THR A 383 -15.72 2.24 5.07
C THR A 383 -16.79 2.51 4.01
N VAL A 384 -18.05 2.30 4.35
CA VAL A 384 -19.18 2.51 3.44
C VAL A 384 -20.26 3.30 4.17
N MET A 385 -20.76 4.35 3.51
CA MET A 385 -21.80 5.19 4.10
C MET A 385 -23.13 4.92 3.40
N MET A 386 -24.19 4.74 4.17
CA MET A 386 -25.52 4.47 3.62
C MET A 386 -26.56 5.47 4.09
N GLY A 387 -27.58 5.67 3.25
CA GLY A 387 -28.67 6.56 3.57
C GLY A 387 -29.96 5.77 3.54
N SER A 388 -30.35 5.29 2.36
CA SER A 388 -31.58 4.52 2.25
C SER A 388 -31.52 3.16 2.91
N LEU A 389 -30.34 2.55 2.97
CA LEU A 389 -30.21 1.23 3.58
C LEU A 389 -30.39 1.28 5.09
N LEU A 390 -30.67 2.46 5.64
CA LEU A 390 -30.86 2.63 7.08
C LEU A 390 -32.06 3.51 7.38
N ALA A 391 -32.41 4.39 6.43
CA ALA A 391 -33.50 5.34 6.55
C ALA A 391 -34.84 4.88 7.13
N ALA A 392 -35.14 3.59 7.10
CA ALA A 392 -36.43 3.14 7.64
C ALA A 392 -36.32 2.31 8.91
N THR A 393 -35.20 2.43 9.60
CA THR A 393 -35.02 1.67 10.81
C THR A 393 -35.65 2.45 11.96
N THR A 394 -35.88 1.74 13.07
CA THR A 394 -36.49 2.34 14.25
C THR A 394 -35.68 3.52 14.81
N GLU A 395 -34.37 3.42 14.73
CA GLU A 395 -33.51 4.45 15.28
C GLU A 395 -33.33 5.70 14.42
N ALA A 396 -33.90 5.68 13.23
CA ALA A 396 -33.78 6.85 12.33
C ALA A 396 -34.86 7.87 12.67
N PRO A 397 -34.58 9.16 12.42
CA PRO A 397 -35.51 10.27 12.67
C PRO A 397 -36.83 10.11 11.93
N GLY A 398 -37.92 10.57 12.54
CA GLY A 398 -39.21 10.47 11.90
C GLY A 398 -40.13 9.42 12.50
N GLU A 399 -41.41 9.58 12.20
CA GLU A 399 -42.45 8.66 12.67
C GLU A 399 -42.86 7.74 11.53
N TYR A 400 -43.25 6.50 11.86
CA TYR A 400 -43.68 5.55 10.85
C TYR A 400 -45.12 5.84 10.47
N PHE A 401 -45.48 5.52 9.24
CA PHE A 401 -46.86 5.71 8.82
C PHE A 401 -47.18 4.58 7.87
N PHE A 402 -48.38 4.58 7.31
CA PHE A 402 -48.76 3.52 6.39
C PHE A 402 -49.37 4.08 5.10
N SER A 403 -49.19 3.34 4.02
CA SER A 403 -49.75 3.71 2.73
C SER A 403 -50.64 2.53 2.29
N ASP A 404 -50.22 1.77 1.28
CA ASP A 404 -50.99 0.63 0.81
C ASP A 404 -50.76 -0.57 1.74
N GLY A 405 -51.05 -0.38 3.02
CA GLY A 405 -50.84 -1.43 3.99
C GLY A 405 -49.36 -1.67 4.23
N ILE A 406 -48.54 -0.71 3.79
CA ILE A 406 -47.10 -0.81 3.94
C ILE A 406 -46.58 0.26 4.88
N ARG A 407 -45.84 -0.18 5.91
CA ARG A 407 -45.28 0.74 6.88
C ARG A 407 -44.11 1.46 6.25
N LEU A 408 -44.06 2.76 6.42
CA LEU A 408 -42.99 3.55 5.82
C LEU A 408 -42.52 4.65 6.77
N LYS A 409 -41.34 5.18 6.46
CA LYS A 409 -40.74 6.26 7.21
C LYS A 409 -40.11 7.12 6.10
N LYS A 410 -40.17 8.43 6.27
CA LYS A 410 -39.65 9.36 5.29
C LYS A 410 -38.15 9.30 5.08
N TYR A 411 -37.74 9.51 3.82
CA TYR A 411 -36.34 9.55 3.46
C TYR A 411 -36.25 10.63 2.39
N ARG A 412 -35.43 11.65 2.63
CA ARG A 412 -35.30 12.73 1.67
C ARG A 412 -33.88 13.21 1.48
N GLY A 413 -33.56 13.57 0.24
CA GLY A 413 -32.25 14.08 -0.06
C GLY A 413 -32.09 15.45 0.56
N MET A 414 -30.88 15.73 1.04
CA MET A 414 -30.58 17.00 1.67
C MET A 414 -30.62 18.19 0.70
N GLY A 415 -30.74 17.88 -0.59
CA GLY A 415 -30.81 18.91 -1.59
C GLY A 415 -32.24 19.04 -2.08
N SER A 416 -33.18 18.44 -1.36
CA SER A 416 -34.58 18.54 -1.75
C SER A 416 -35.07 19.91 -1.30
N LEU A 417 -36.11 20.43 -1.94
CA LEU A 417 -36.61 21.74 -1.56
C LEU A 417 -37.08 21.75 -0.10
N ASP A 418 -37.64 20.61 0.34
CA ASP A 418 -38.11 20.47 1.72
C ASP A 418 -36.98 20.47 2.72
N ALA A 419 -35.94 19.69 2.43
CA ALA A 419 -34.79 19.61 3.31
C ALA A 419 -34.13 20.98 3.36
N MET A 420 -34.12 21.66 2.22
CA MET A 420 -33.53 22.99 2.11
C MET A 420 -34.48 24.03 2.69
N ILE A 437 -32.75 31.76 -6.61
CA ILE A 437 -33.60 30.56 -6.92
C ILE A 437 -32.90 29.33 -6.36
N LYS A 438 -33.68 28.37 -5.88
CA LYS A 438 -33.12 27.14 -5.34
C LYS A 438 -33.25 26.02 -6.36
N VAL A 439 -32.12 25.39 -6.66
CA VAL A 439 -32.06 24.29 -7.61
C VAL A 439 -32.06 23.04 -6.75
N ALA A 440 -33.12 22.25 -6.84
CA ALA A 440 -33.22 21.02 -6.08
C ALA A 440 -32.27 19.99 -6.67
N GLN A 441 -31.55 19.28 -5.81
CA GLN A 441 -30.61 18.25 -6.24
C GLN A 441 -30.97 16.94 -5.60
N GLY A 442 -31.99 16.97 -4.76
CA GLY A 442 -32.44 15.78 -4.09
C GLY A 442 -33.94 15.70 -4.23
N VAL A 443 -34.50 14.55 -3.86
CA VAL A 443 -35.94 14.28 -3.94
C VAL A 443 -36.45 13.86 -2.55
N SER A 444 -37.76 13.96 -2.32
CA SER A 444 -38.37 13.57 -1.05
C SER A 444 -39.29 12.35 -1.14
N GLY A 445 -38.89 11.24 -0.52
CA GLY A 445 -39.71 10.04 -0.59
C GLY A 445 -39.86 9.29 0.71
N ALA A 446 -40.19 8.00 0.59
CA ALA A 446 -40.38 7.16 1.75
C ALA A 446 -39.88 5.78 1.44
N VAL A 447 -39.35 5.11 2.47
CA VAL A 447 -38.82 3.76 2.36
C VAL A 447 -39.59 2.85 3.33
N GLN A 448 -39.59 1.55 3.04
CA GLN A 448 -40.30 0.58 3.87
C GLN A 448 -39.48 0.17 5.10
N ASP A 449 -40.18 0.04 6.22
CA ASP A 449 -39.62 -0.33 7.53
C ASP A 449 -38.59 -1.47 7.46
N LYS A 450 -37.40 -1.21 7.99
CA LYS A 450 -36.31 -2.21 8.01
C LYS A 450 -36.05 -2.80 9.40
N GLY A 451 -36.78 -2.32 10.39
CA GLY A 451 -36.60 -2.81 11.74
C GLY A 451 -35.52 -2.04 12.48
N SER A 452 -34.94 -2.66 13.50
CA SER A 452 -33.91 -2.02 14.31
C SER A 452 -32.51 -2.15 13.74
N ILE A 453 -31.69 -1.14 14.00
CA ILE A 453 -30.31 -1.12 13.57
C ILE A 453 -29.66 -2.29 14.29
N HIS A 454 -30.11 -2.53 15.52
CA HIS A 454 -29.57 -3.62 16.33
C HIS A 454 -29.78 -5.02 15.75
N LYS A 455 -30.59 -5.11 14.70
CA LYS A 455 -30.83 -6.40 14.07
C LYS A 455 -30.27 -6.31 12.66
N PHE A 456 -30.55 -5.19 12.00
CA PHE A 456 -30.11 -4.98 10.64
C PHE A 456 -28.60 -4.92 10.48
N VAL A 457 -27.93 -4.15 11.32
CA VAL A 457 -26.47 -4.06 11.22
C VAL A 457 -25.78 -5.41 11.42
N PRO A 458 -26.21 -6.20 12.41
CA PRO A 458 -25.59 -7.51 12.61
C PRO A 458 -25.74 -8.34 11.35
N TYR A 459 -26.88 -8.19 10.70
CA TYR A 459 -27.17 -8.90 9.46
C TYR A 459 -26.18 -8.47 8.36
N LEU A 460 -26.00 -7.16 8.18
CA LEU A 460 -25.06 -6.67 7.17
C LEU A 460 -23.67 -7.21 7.48
N ILE A 461 -23.31 -7.23 8.77
CA ILE A 461 -22.00 -7.74 9.22
C ILE A 461 -21.85 -9.21 8.81
N ALA A 462 -22.90 -10.00 9.02
CA ALA A 462 -22.87 -11.40 8.66
C ALA A 462 -22.76 -11.52 7.14
N GLY A 463 -23.57 -10.73 6.43
CA GLY A 463 -23.55 -10.76 4.98
C GLY A 463 -22.18 -10.49 4.41
N ILE A 464 -21.55 -9.41 4.88
CA ILE A 464 -20.22 -9.02 4.41
C ILE A 464 -19.21 -10.13 4.64
N GLN A 465 -19.30 -10.77 5.81
CA GLN A 465 -18.40 -11.86 6.19
C GLN A 465 -18.44 -13.04 5.23
N HIS A 466 -19.65 -13.44 4.82
CA HIS A 466 -19.79 -14.54 3.90
C HIS A 466 -19.15 -14.19 2.56
N SER A 467 -19.36 -12.95 2.10
CA SER A 467 -18.78 -12.51 0.84
C SER A 467 -17.27 -12.65 0.90
N CYS A 468 -16.66 -12.20 2.00
CA CYS A 468 -15.22 -12.31 2.19
C CYS A 468 -14.83 -13.77 2.12
N GLN A 469 -15.68 -14.65 2.63
CA GLN A 469 -15.37 -16.07 2.59
C GLN A 469 -15.36 -16.63 1.18
N ASP A 470 -16.41 -16.36 0.42
CA ASP A 470 -16.48 -16.85 -0.94
C ASP A 470 -15.27 -16.37 -1.73
N ILE A 471 -14.91 -15.10 -1.56
CA ILE A 471 -13.78 -14.55 -2.30
C ILE A 471 -12.42 -15.01 -1.74
N GLY A 472 -12.44 -15.73 -0.62
CA GLY A 472 -11.22 -16.24 -0.02
C GLY A 472 -10.37 -15.26 0.78
N ALA A 473 -11.03 -14.32 1.46
CA ALA A 473 -10.33 -13.32 2.27
C ALA A 473 -10.79 -13.36 3.73
N LYS A 474 -9.84 -13.48 4.65
CA LYS A 474 -10.12 -13.53 6.08
C LYS A 474 -10.35 -12.16 6.69
N SER A 475 -10.13 -11.09 5.94
CA SER A 475 -10.31 -9.73 6.46
C SER A 475 -10.43 -8.71 5.34
N LEU A 476 -11.04 -7.56 5.64
CA LEU A 476 -11.20 -6.49 4.65
C LEU A 476 -9.83 -6.03 4.18
N THR A 477 -8.87 -6.02 5.10
CA THR A 477 -7.52 -5.63 4.79
C THR A 477 -6.95 -6.58 3.74
N GLN A 478 -7.26 -7.87 3.89
CA GLN A 478 -6.78 -8.88 2.96
C GLN A 478 -7.44 -8.70 1.61
N VAL A 479 -8.74 -8.44 1.60
CA VAL A 479 -9.47 -8.25 0.36
C VAL A 479 -8.80 -7.20 -0.51
N ARG A 480 -8.40 -6.09 0.08
CA ARG A 480 -7.72 -5.03 -0.68
C ARG A 480 -6.36 -5.44 -1.21
N ALA A 481 -5.59 -6.17 -0.40
CA ALA A 481 -4.28 -6.64 -0.81
C ALA A 481 -4.45 -7.51 -2.04
N MET A 482 -5.37 -8.47 -1.95
CA MET A 482 -5.67 -9.40 -3.05
C MET A 482 -6.09 -8.64 -4.31
N MET A 483 -6.87 -7.57 -4.12
CA MET A 483 -7.32 -6.79 -5.26
C MET A 483 -6.18 -5.98 -5.86
N TYR A 484 -5.34 -5.39 -5.01
CA TYR A 484 -4.20 -4.59 -5.48
C TYR A 484 -3.03 -5.43 -6.02
N SER A 485 -2.92 -6.67 -5.58
CA SER A 485 -1.85 -7.55 -6.03
C SER A 485 -2.23 -8.20 -7.36
N GLY A 486 -3.52 -8.11 -7.69
CA GLY A 486 -4.00 -8.69 -8.93
C GLY A 486 -4.71 -10.00 -8.64
N GLU A 487 -4.39 -10.62 -7.50
CA GLU A 487 -4.98 -11.89 -7.12
C GLU A 487 -6.50 -12.00 -7.20
N LEU A 488 -7.20 -10.93 -6.80
CA LEU A 488 -8.66 -10.93 -6.83
C LEU A 488 -9.08 -10.66 -8.26
N LYS A 489 -10.01 -11.47 -8.77
CA LYS A 489 -10.49 -11.30 -10.14
C LYS A 489 -11.94 -10.88 -10.18
N PHE A 490 -12.31 -10.20 -11.25
CA PHE A 490 -13.66 -9.72 -11.45
C PHE A 490 -14.05 -10.10 -12.86
N GLU A 491 -15.31 -9.84 -13.20
CA GLU A 491 -15.87 -10.08 -14.53
C GLU A 491 -17.12 -9.20 -14.75
N LYS A 492 -17.15 -8.51 -15.88
CA LYS A 492 -18.28 -7.63 -16.21
C LYS A 492 -19.53 -8.46 -16.37
N ARG A 493 -20.68 -7.84 -16.10
CA ARG A 493 -21.97 -8.48 -16.22
C ARG A 493 -22.83 -7.81 -17.27
N THR A 494 -23.11 -8.50 -18.36
CA THR A 494 -23.98 -7.93 -19.38
C THR A 494 -25.34 -7.78 -18.70
N SER A 495 -26.25 -7.02 -19.30
CA SER A 495 -27.57 -6.82 -18.73
C SER A 495 -28.30 -8.15 -18.53
N SER A 496 -28.17 -9.07 -19.49
CA SER A 496 -28.79 -10.39 -19.38
C SER A 496 -28.14 -11.10 -18.19
N ALA A 497 -26.83 -10.87 -18.04
CA ALA A 497 -26.05 -11.47 -16.97
C ALA A 497 -26.50 -10.90 -15.63
N GLN A 498 -26.92 -9.64 -15.62
CA GLN A 498 -27.40 -8.99 -14.38
C GLN A 498 -28.80 -9.50 -14.05
N VAL A 499 -29.60 -9.74 -15.09
CA VAL A 499 -30.96 -10.25 -14.97
C VAL A 499 -30.92 -11.69 -14.43
N GLU A 500 -29.95 -12.44 -14.94
CA GLU A 500 -29.74 -13.82 -14.56
C GLU A 500 -29.25 -13.91 -13.11
N GLY A 501 -28.45 -12.92 -12.71
CA GLY A 501 -27.92 -12.88 -11.37
C GLY A 501 -28.98 -12.65 -10.31
N GLY A 502 -30.05 -11.94 -10.68
CA GLY A 502 -31.13 -11.69 -9.73
C GLY A 502 -32.20 -12.76 -9.85
N VAL A 503 -33.32 -12.56 -9.16
CA VAL A 503 -34.42 -13.52 -9.23
C VAL A 503 -35.13 -13.42 -10.56
N HIS A 504 -35.32 -14.57 -11.21
CA HIS A 504 -36.00 -14.61 -12.51
C HIS A 504 -36.83 -15.88 -12.65
N SER A 505 -37.66 -15.91 -13.67
CA SER A 505 -38.48 -17.06 -14.01
C SER A 505 -39.46 -17.56 -12.93
N LEU A 506 -39.84 -16.68 -12.01
CA LEU A 506 -40.80 -17.07 -10.97
C LEU A 506 -42.14 -16.44 -11.26
N HIS A 507 -43.22 -17.13 -10.92
CA HIS A 507 -44.54 -16.57 -11.12
C HIS A 507 -44.79 -15.57 -10.01
N SER A 508 -44.20 -15.82 -8.85
CA SER A 508 -44.34 -14.94 -7.69
C SER A 508 -43.31 -15.39 -6.68
N TYR A 509 -42.93 -14.49 -5.78
CA TYR A 509 -41.97 -14.80 -4.72
C TYR A 509 -41.91 -13.69 -3.69
N GLU A 510 -41.36 -14.01 -2.53
CA GLU A 510 -41.19 -13.04 -1.45
C GLU A 510 -39.70 -13.07 -1.16
N LYS A 511 -39.14 -11.96 -0.71
CA LYS A 511 -37.71 -11.92 -0.41
C LYS A 511 -37.48 -11.55 1.05
N ARG A 512 -36.59 -12.30 1.69
CA ARG A 512 -36.22 -12.08 3.08
C ARG A 512 -34.73 -12.34 3.15
N LEU A 513 -34.05 -11.82 4.16
CA LEU A 513 -32.62 -12.04 4.28
C LEU A 513 -32.11 -12.39 5.66
N PHE A 514 -32.84 -11.98 6.68
CA PHE A 514 -32.47 -12.27 8.05
C PHE A 514 -33.71 -12.33 8.94
N SER B 11 -3.06 25.08 -13.71
CA SER B 11 -3.81 24.99 -15.00
C SER B 11 -3.69 23.57 -15.53
N TYR B 12 -4.37 23.31 -16.65
CA TYR B 12 -4.35 22.00 -17.26
C TYR B 12 -3.05 21.75 -18.00
N VAL B 13 -2.48 20.57 -17.78
CA VAL B 13 -1.27 20.18 -18.46
C VAL B 13 -1.51 18.75 -18.92
N PRO B 14 -1.60 18.53 -20.24
CA PRO B 14 -1.83 17.19 -20.77
C PRO B 14 -0.67 16.23 -20.53
N ASP B 15 -1.01 15.02 -20.07
CA ASP B 15 -0.01 14.00 -19.80
C ASP B 15 0.74 13.61 -21.07
N ASP B 16 1.98 13.16 -20.91
CA ASP B 16 2.79 12.78 -22.05
C ASP B 16 3.60 11.53 -21.74
N GLY B 17 3.57 10.57 -22.65
CA GLY B 17 4.31 9.35 -22.46
C GLY B 17 3.52 8.25 -21.77
N LEU B 18 4.11 7.06 -21.73
CA LEU B 18 3.49 5.90 -21.11
C LEU B 18 4.10 5.63 -19.76
N THR B 19 3.35 4.99 -18.88
CA THR B 19 3.88 4.63 -17.59
C THR B 19 4.55 3.30 -17.86
N ALA B 20 5.45 2.87 -16.97
CA ALA B 20 6.14 1.60 -17.17
C ALA B 20 5.14 0.46 -17.28
N GLN B 21 4.04 0.57 -16.53
CA GLN B 21 3.01 -0.47 -16.59
C GLN B 21 2.43 -0.57 -18.01
N GLN B 22 2.03 0.55 -18.60
CA GLN B 22 1.44 0.54 -19.93
C GLN B 22 2.43 0.04 -20.98
N LEU B 23 3.63 0.61 -20.93
CA LEU B 23 4.69 0.28 -21.86
C LEU B 23 5.09 -1.18 -21.85
N PHE B 24 5.32 -1.74 -20.67
CA PHE B 24 5.76 -3.13 -20.55
C PHE B 24 4.67 -4.17 -20.57
N ASN B 25 3.47 -3.77 -20.18
CA ASN B 25 2.35 -4.68 -20.20
C ASN B 25 1.63 -4.34 -21.51
N CYS B 26 2.45 -4.42 -22.58
CA CYS B 26 2.08 -4.14 -23.96
C CYS B 26 2.46 -5.35 -24.84
N GLY B 27 3.23 -6.29 -24.29
CA GLY B 27 3.62 -7.48 -25.02
C GLY B 27 4.62 -7.35 -26.15
N ASP B 28 5.29 -6.21 -26.21
CA ASP B 28 6.26 -5.95 -27.28
C ASP B 28 7.61 -6.64 -27.14
N GLY B 29 7.90 -7.18 -25.96
CA GLY B 29 9.16 -7.87 -25.76
C GLY B 29 10.32 -6.89 -25.97
N LEU B 30 10.30 -5.79 -25.23
CA LEU B 30 11.34 -4.78 -25.36
C LEU B 30 12.42 -4.76 -24.28
N THR B 31 13.57 -4.20 -24.66
CA THR B 31 14.71 -4.05 -23.77
C THR B 31 15.11 -2.60 -23.69
N TYR B 32 16.25 -2.36 -23.04
CA TYR B 32 16.77 -1.02 -22.82
C TYR B 32 16.75 -0.05 -24.00
N ASN B 33 17.34 -0.43 -25.13
CA ASN B 33 17.41 0.48 -26.27
C ASN B 33 16.11 0.80 -26.99
N ASP B 34 15.02 0.15 -26.58
CA ASP B 34 13.74 0.36 -27.22
C ASP B 34 12.91 1.47 -26.62
N PHE B 35 13.39 2.09 -25.55
CA PHE B 35 12.60 3.14 -24.92
C PHE B 35 13.44 4.24 -24.28
N LEU B 36 12.76 5.31 -23.88
CA LEU B 36 13.40 6.44 -23.25
C LEU B 36 12.61 6.92 -22.04
N ILE B 37 13.30 7.59 -21.12
CA ILE B 37 12.65 8.13 -19.95
C ILE B 37 12.49 9.60 -20.29
N LEU B 38 11.26 10.08 -20.30
CA LEU B 38 11.03 11.48 -20.61
C LEU B 38 11.51 12.30 -19.42
N PRO B 39 12.15 13.45 -19.68
CA PRO B 39 12.68 14.34 -18.64
C PRO B 39 11.61 14.93 -17.74
N GLY B 40 12.02 15.47 -16.59
CA GLY B 40 11.09 16.05 -15.66
C GLY B 40 11.48 17.45 -15.20
N TYR B 41 11.23 17.74 -13.93
CA TYR B 41 11.54 19.04 -13.34
C TYR B 41 12.79 18.96 -12.47
N ILE B 42 13.82 19.71 -12.84
CA ILE B 42 15.08 19.73 -12.08
C ILE B 42 15.06 20.73 -10.94
N ASP B 43 15.08 20.20 -9.73
CA ASP B 43 15.01 20.99 -8.52
C ASP B 43 16.31 20.95 -7.71
N PHE B 44 17.33 20.32 -8.26
CA PHE B 44 18.59 20.15 -7.55
C PHE B 44 19.72 19.90 -8.52
N THR B 45 20.93 19.85 -7.98
CA THR B 45 22.12 19.62 -8.77
C THR B 45 22.42 18.12 -8.71
N ALA B 46 23.02 17.61 -9.79
CA ALA B 46 23.36 16.19 -9.91
C ALA B 46 24.10 15.62 -8.72
N ASP B 47 25.07 16.36 -8.22
CA ASP B 47 25.87 15.89 -7.07
C ASP B 47 25.04 15.60 -5.83
N GLN B 48 23.77 15.92 -5.86
CA GLN B 48 22.90 15.70 -4.72
C GLN B 48 22.11 14.41 -4.81
N VAL B 49 22.26 13.68 -5.90
CA VAL B 49 21.51 12.45 -6.09
C VAL B 49 22.08 11.34 -5.25
N ASP B 50 21.21 10.64 -4.54
CA ASP B 50 21.60 9.54 -3.68
C ASP B 50 21.44 8.23 -4.42
N LEU B 51 22.52 7.48 -4.56
CA LEU B 51 22.48 6.19 -5.24
C LEU B 51 22.50 4.99 -4.28
N THR B 52 22.26 5.23 -3.00
CA THR B 52 22.26 4.14 -2.01
C THR B 52 21.31 3.05 -2.49
N SER B 53 21.83 1.83 -2.61
CA SER B 53 21.04 0.70 -3.12
C SER B 53 21.06 -0.53 -2.23
N ALA B 54 19.92 -1.22 -2.18
CA ALA B 54 19.80 -2.44 -1.38
C ALA B 54 20.24 -3.63 -2.23
N LEU B 55 21.34 -4.26 -1.84
CA LEU B 55 21.87 -5.42 -2.57
C LEU B 55 21.03 -6.65 -2.24
N THR B 56 20.65 -6.78 -0.98
CA THR B 56 19.85 -7.90 -0.51
C THR B 56 18.97 -7.36 0.59
N LYS B 57 18.14 -8.22 1.18
CA LYS B 57 17.26 -7.81 2.26
C LYS B 57 17.99 -7.08 3.38
N LYS B 58 19.21 -7.53 3.69
CA LYS B 58 19.99 -6.91 4.74
C LYS B 58 21.30 -6.22 4.31
N ILE B 59 21.69 -6.36 3.05
CA ILE B 59 22.89 -5.69 2.57
C ILE B 59 22.50 -4.48 1.70
N THR B 60 23.15 -3.35 1.97
CA THR B 60 22.91 -2.08 1.27
C THR B 60 24.26 -1.46 0.92
N LEU B 61 24.40 -0.97 -0.31
CA LEU B 61 25.63 -0.35 -0.76
C LEU B 61 25.39 1.13 -1.00
N LYS B 62 26.48 1.89 -1.16
CA LYS B 62 26.38 3.32 -1.42
C LYS B 62 26.06 3.54 -2.91
N THR B 63 26.26 2.50 -3.71
CA THR B 63 25.99 2.57 -5.15
C THR B 63 25.29 1.27 -5.58
N PRO B 64 24.69 1.24 -6.78
CA PRO B 64 24.03 0.01 -7.22
C PRO B 64 24.90 -0.88 -8.09
N LEU B 65 26.21 -0.65 -8.09
CA LEU B 65 27.12 -1.39 -8.94
C LEU B 65 27.64 -2.67 -8.30
N VAL B 66 27.54 -3.75 -9.06
CA VAL B 66 27.95 -5.09 -8.64
C VAL B 66 28.80 -5.68 -9.75
N SER B 67 29.91 -6.34 -9.41
CA SER B 67 30.71 -6.97 -10.45
C SER B 67 30.25 -8.43 -10.61
N SER B 68 30.22 -8.89 -11.85
CA SER B 68 29.78 -10.24 -12.18
C SER B 68 30.79 -11.30 -11.82
N PRO B 69 30.33 -12.39 -11.19
CA PRO B 69 31.20 -13.50 -10.80
C PRO B 69 31.65 -14.30 -12.03
N MET B 70 32.69 -13.82 -12.69
CA MET B 70 33.21 -14.49 -13.87
C MET B 70 34.74 -14.50 -13.78
N ASP B 71 35.36 -15.57 -14.26
CA ASP B 71 36.82 -15.69 -14.18
C ASP B 71 37.65 -14.59 -14.82
N THR B 72 37.05 -13.84 -15.75
CA THR B 72 37.77 -12.75 -16.40
C THR B 72 37.18 -11.39 -15.99
N VAL B 73 36.52 -11.36 -14.83
CA VAL B 73 35.92 -10.13 -14.34
C VAL B 73 36.11 -9.96 -12.85
N THR B 74 35.78 -10.97 -12.06
CA THR B 74 35.90 -10.83 -10.61
C THR B 74 36.73 -11.81 -9.80
N GLU B 75 37.66 -11.25 -9.06
CA GLU B 75 38.55 -11.94 -8.14
C GLU B 75 38.90 -10.90 -7.08
N ALA B 76 39.84 -11.21 -6.19
CA ALA B 76 40.23 -10.29 -5.10
C ALA B 76 40.38 -8.82 -5.49
N GLY B 77 41.30 -8.53 -6.41
CA GLY B 77 41.53 -7.16 -6.83
C GLY B 77 40.26 -6.40 -7.18
N MET B 78 39.43 -7.00 -8.04
CA MET B 78 38.18 -6.41 -8.48
C MET B 78 37.24 -6.23 -7.29
N ALA B 79 36.93 -7.35 -6.63
CA ALA B 79 36.04 -7.34 -5.47
C ALA B 79 36.43 -6.22 -4.51
N ILE B 80 37.74 -6.01 -4.37
CA ILE B 80 38.26 -4.97 -3.48
C ILE B 80 38.00 -3.57 -4.05
N ALA B 81 38.43 -3.34 -5.29
CA ALA B 81 38.25 -2.04 -5.93
C ALA B 81 36.79 -1.67 -6.00
N MET B 82 35.94 -2.67 -6.16
CA MET B 82 34.50 -2.48 -6.25
C MET B 82 33.96 -2.02 -4.89
N ALA B 83 34.40 -2.67 -3.82
CA ALA B 83 33.95 -2.30 -2.48
C ALA B 83 34.48 -0.93 -2.03
N LEU B 84 35.69 -0.59 -2.43
CA LEU B 84 36.26 0.69 -2.06
C LEU B 84 35.51 1.82 -2.74
N THR B 85 35.08 1.61 -3.98
CA THR B 85 34.37 2.65 -4.74
C THR B 85 32.86 2.75 -4.54
N GLY B 86 32.28 1.86 -3.75
CA GLY B 86 30.86 1.94 -3.48
C GLY B 86 29.97 0.75 -3.82
N GLY B 87 30.53 -0.23 -4.51
CA GLY B 87 29.76 -1.40 -4.87
C GLY B 87 30.25 -2.63 -4.14
N ILE B 88 30.16 -3.77 -4.80
CA ILE B 88 30.59 -5.03 -4.24
C ILE B 88 30.91 -5.93 -5.43
N GLY B 89 31.67 -7.00 -5.19
CA GLY B 89 32.03 -7.91 -6.25
C GLY B 89 31.78 -9.35 -5.87
N PHE B 90 31.59 -10.21 -6.86
CA PHE B 90 31.36 -11.61 -6.59
C PHE B 90 32.46 -12.47 -7.18
N ILE B 91 33.22 -13.14 -6.31
CA ILE B 91 34.31 -14.01 -6.75
C ILE B 91 33.67 -15.18 -7.49
N HIS B 92 34.29 -15.58 -8.60
CA HIS B 92 33.77 -16.71 -9.39
C HIS B 92 34.13 -18.03 -8.73
N HIS B 93 33.56 -19.14 -9.22
CA HIS B 93 33.85 -20.44 -8.63
C HIS B 93 34.48 -21.41 -9.63
N ASN B 94 35.09 -20.87 -10.67
CA ASN B 94 35.80 -21.65 -11.68
C ASN B 94 37.22 -21.64 -11.13
N CYS B 95 37.37 -22.29 -9.98
CA CYS B 95 38.61 -22.38 -9.24
C CYS B 95 38.36 -23.30 -8.05
N THR B 96 39.43 -23.82 -7.44
CA THR B 96 39.29 -24.72 -6.30
C THR B 96 38.57 -23.99 -5.17
N PRO B 97 37.84 -24.72 -4.31
CA PRO B 97 37.14 -24.08 -3.20
C PRO B 97 38.11 -23.29 -2.36
N GLU B 98 39.32 -23.83 -2.24
CA GLU B 98 40.40 -23.21 -1.47
C GLU B 98 40.87 -21.87 -2.05
N PHE B 99 41.05 -21.84 -3.37
CA PHE B 99 41.48 -20.63 -4.08
C PHE B 99 40.45 -19.54 -3.95
N GLN B 100 39.19 -19.92 -4.15
CA GLN B 100 38.08 -18.99 -4.08
C GLN B 100 38.00 -18.40 -2.67
N ALA B 101 38.02 -19.27 -1.67
CA ALA B 101 37.96 -18.86 -0.27
C ALA B 101 39.18 -17.98 0.04
N ASN B 102 40.31 -18.30 -0.58
CA ASN B 102 41.54 -17.55 -0.40
C ASN B 102 41.31 -16.15 -0.94
N GLU B 103 40.76 -16.08 -2.13
CA GLU B 103 40.46 -14.79 -2.76
C GLU B 103 39.59 -13.97 -1.82
N VAL B 104 38.57 -14.62 -1.25
CA VAL B 104 37.63 -13.98 -0.31
C VAL B 104 38.39 -13.46 0.90
N ARG B 105 39.28 -14.31 1.42
CA ARG B 105 40.09 -13.99 2.59
C ARG B 105 40.83 -12.67 2.39
N LYS B 106 41.57 -12.58 1.29
CA LYS B 106 42.33 -11.39 0.96
C LYS B 106 41.49 -10.13 0.88
N VAL B 107 40.22 -10.28 0.49
CA VAL B 107 39.32 -9.13 0.39
C VAL B 107 38.87 -8.74 1.79
N LYS B 108 38.38 -9.72 2.54
CA LYS B 108 37.88 -9.47 3.88
C LYS B 108 38.96 -8.96 4.81
N LYS B 109 40.21 -9.34 4.55
CA LYS B 109 41.35 -8.91 5.37
C LYS B 109 42.03 -7.68 4.81
N TYR B 110 41.40 -7.01 3.83
CA TYR B 110 42.00 -5.82 3.24
C TYR B 110 41.95 -4.61 4.15
N GLU B 111 43.07 -3.91 4.20
CA GLU B 111 43.21 -2.70 4.99
C GLU B 111 44.49 -2.02 4.52
N GLN B 112 44.33 -0.81 4.00
CA GLN B 112 45.45 -0.01 3.51
C GLN B 112 44.95 1.40 3.24
N TYR B 233 38.05 7.07 0.18
CA TYR B 233 36.94 6.13 -0.16
C TYR B 233 35.77 6.27 0.83
N PRO B 234 35.10 7.44 0.83
CA PRO B 234 33.98 7.66 1.74
C PRO B 234 32.76 6.80 1.45
N LEU B 235 32.78 6.10 0.31
CA LEU B 235 31.68 5.22 -0.11
C LEU B 235 32.04 3.77 0.07
N ALA B 236 33.30 3.53 0.44
CA ALA B 236 33.78 2.18 0.65
C ALA B 236 32.72 1.43 1.43
N SER B 237 32.28 0.32 0.87
CA SER B 237 31.26 -0.48 1.51
C SER B 237 31.89 -1.68 2.23
N LYS B 238 31.77 -1.67 3.56
CA LYS B 238 32.32 -2.72 4.39
C LYS B 238 31.34 -3.15 5.47
N ASP B 239 31.63 -4.28 6.11
CA ASP B 239 30.77 -4.82 7.16
C ASP B 239 30.96 -4.15 8.53
N ALA B 240 30.24 -4.65 9.52
CA ALA B 240 30.28 -4.15 10.89
C ALA B 240 31.68 -4.04 11.48
N LYS B 241 32.55 -4.99 11.15
CA LYS B 241 33.92 -4.97 11.66
C LYS B 241 34.82 -4.13 10.77
N LYS B 242 34.19 -3.26 9.97
CA LYS B 242 34.88 -2.35 9.07
C LYS B 242 35.70 -3.00 7.95
N GLN B 243 35.47 -4.29 7.71
CA GLN B 243 36.18 -5.00 6.65
C GLN B 243 35.31 -5.01 5.39
N LEU B 244 35.92 -4.70 4.25
CA LEU B 244 35.20 -4.65 2.97
C LEU B 244 34.26 -5.82 2.73
N LEU B 245 33.10 -5.52 2.16
CA LEU B 245 32.13 -6.56 1.87
C LEU B 245 32.65 -7.46 0.75
N CYS B 246 32.27 -8.73 0.77
CA CYS B 246 32.71 -9.65 -0.27
C CYS B 246 31.64 -10.69 -0.52
N GLY B 247 31.49 -11.06 -1.78
CA GLY B 247 30.51 -12.05 -2.16
C GLY B 247 31.20 -13.12 -2.99
N ALA B 248 30.57 -14.28 -3.09
CA ALA B 248 31.13 -15.38 -3.86
C ALA B 248 30.02 -16.14 -4.57
N ALA B 249 30.33 -16.63 -5.76
CA ALA B 249 29.36 -17.38 -6.53
C ALA B 249 29.61 -18.86 -6.38
N ILE B 250 28.57 -19.61 -6.02
CA ILE B 250 28.73 -21.06 -5.94
C ILE B 250 27.70 -21.77 -6.79
N GLY B 251 27.96 -23.04 -7.06
CA GLY B 251 27.04 -23.85 -7.84
C GLY B 251 26.06 -24.41 -6.83
N THR B 252 25.36 -25.46 -7.20
CA THR B 252 24.39 -26.03 -6.27
C THR B 252 24.76 -27.41 -5.73
N HIS B 253 24.93 -28.38 -6.63
CA HIS B 253 25.27 -29.75 -6.25
C HIS B 253 26.24 -29.94 -5.09
N GLU B 254 25.88 -30.86 -4.20
CA GLU B 254 26.63 -31.23 -2.98
C GLU B 254 28.01 -30.64 -2.77
N ASP B 255 28.89 -30.86 -3.74
CA ASP B 255 30.27 -30.37 -3.70
C ASP B 255 30.36 -28.92 -3.22
N ASP B 256 29.35 -28.13 -3.57
CA ASP B 256 29.29 -26.72 -3.23
C ASP B 256 29.04 -26.43 -1.76
N LYS B 257 28.65 -27.45 -1.02
CA LYS B 257 28.40 -27.33 0.41
C LYS B 257 29.73 -27.13 1.14
N TYR B 258 30.73 -27.94 0.79
CA TYR B 258 32.05 -27.84 1.40
C TYR B 258 32.63 -26.48 1.03
N ARG B 259 32.46 -26.13 -0.24
CA ARG B 259 32.90 -24.85 -0.79
C ARG B 259 32.29 -23.76 0.08
N LEU B 260 30.99 -23.86 0.29
CA LEU B 260 30.27 -22.89 1.10
C LEU B 260 30.91 -22.79 2.48
N ASP B 261 31.33 -23.93 3.04
CA ASP B 261 31.95 -23.96 4.36
C ASP B 261 33.19 -23.07 4.38
N LEU B 262 34.12 -23.35 3.46
CA LEU B 262 35.36 -22.59 3.38
C LEU B 262 35.12 -21.10 3.13
N LEU B 263 34.17 -20.77 2.26
CA LEU B 263 33.84 -19.37 1.98
C LEU B 263 33.25 -18.72 3.21
N ALA B 264 32.34 -19.43 3.87
CA ALA B 264 31.68 -18.96 5.08
C ALA B 264 32.76 -18.71 6.12
N LEU B 265 33.73 -19.61 6.14
CA LEU B 265 34.85 -19.57 7.07
C LEU B 265 35.79 -18.41 6.74
N ALA B 266 35.89 -18.07 5.46
CA ALA B 266 36.74 -16.97 5.00
C ALA B 266 36.09 -15.61 5.20
N GLY B 267 34.82 -15.60 5.60
CA GLY B 267 34.12 -14.36 5.85
C GLY B 267 33.33 -13.77 4.69
N VAL B 268 32.76 -14.61 3.85
CA VAL B 268 31.98 -14.12 2.72
C VAL B 268 30.64 -13.59 3.21
N ASP B 269 30.31 -12.37 2.80
CA ASP B 269 29.07 -11.71 3.19
C ASP B 269 27.85 -12.19 2.42
N VAL B 270 28.00 -12.42 1.12
CA VAL B 270 26.89 -12.87 0.27
C VAL B 270 27.31 -13.95 -0.68
N VAL B 271 26.43 -14.92 -0.88
CA VAL B 271 26.70 -15.99 -1.81
C VAL B 271 25.57 -16.05 -2.81
N VAL B 272 25.93 -16.15 -4.08
CA VAL B 272 24.97 -16.21 -5.14
C VAL B 272 25.05 -17.57 -5.83
N LEU B 273 23.90 -18.22 -5.93
CA LEU B 273 23.83 -19.51 -6.58
C LEU B 273 23.87 -19.23 -8.09
N ASP B 274 25.00 -19.58 -8.70
CA ASP B 274 25.24 -19.37 -10.13
C ASP B 274 24.57 -20.38 -11.07
N SER B 275 23.58 -19.91 -11.85
CA SER B 275 22.85 -20.77 -12.77
C SER B 275 22.19 -19.97 -13.89
N SER B 276 22.01 -20.60 -15.05
CA SER B 276 21.38 -19.95 -16.18
C SER B 276 19.86 -20.06 -16.13
N GLN B 277 19.36 -20.98 -15.33
CA GLN B 277 17.92 -21.18 -15.16
C GLN B 277 17.78 -21.59 -13.70
N GLY B 278 17.58 -20.61 -12.84
CA GLY B 278 17.50 -20.87 -11.42
C GLY B 278 16.24 -21.48 -10.82
N ASN B 279 15.17 -21.60 -11.59
CA ASN B 279 13.95 -22.16 -11.03
C ASN B 279 13.99 -23.69 -11.09
N SER B 280 14.73 -24.30 -10.17
CA SER B 280 14.85 -25.74 -10.15
C SER B 280 14.83 -26.27 -8.73
N ILE B 281 14.56 -27.56 -8.60
CA ILE B 281 14.51 -28.21 -7.29
C ILE B 281 15.91 -28.29 -6.71
N PHE B 282 16.90 -28.49 -7.57
CA PHE B 282 18.30 -28.59 -7.14
C PHE B 282 18.64 -27.34 -6.35
N GLN B 283 18.39 -26.18 -6.95
CA GLN B 283 18.69 -24.92 -6.30
C GLN B 283 17.77 -24.64 -5.12
N ILE B 284 16.48 -24.88 -5.29
CA ILE B 284 15.49 -24.68 -4.23
C ILE B 284 15.95 -25.39 -2.96
N ASN B 285 16.43 -26.62 -3.13
CA ASN B 285 16.91 -27.40 -2.00
C ASN B 285 18.15 -26.75 -1.40
N MET B 286 19.05 -26.27 -2.27
CA MET B 286 20.26 -25.64 -1.80
C MET B 286 19.97 -24.38 -0.97
N ILE B 287 19.01 -23.58 -1.42
CA ILE B 287 18.67 -22.36 -0.71
C ILE B 287 18.20 -22.67 0.70
N LYS B 288 17.37 -23.69 0.84
CA LYS B 288 16.86 -24.10 2.15
C LYS B 288 18.02 -24.59 3.04
N TYR B 289 18.90 -25.40 2.46
CA TYR B 289 20.05 -25.93 3.16
C TYR B 289 20.90 -24.78 3.75
N MET B 290 21.26 -23.82 2.91
CA MET B 290 22.06 -22.68 3.29
C MET B 290 21.49 -21.83 4.42
N LYS B 291 20.16 -21.74 4.48
CA LYS B 291 19.50 -20.95 5.52
C LYS B 291 19.36 -21.76 6.81
N GLU B 292 19.35 -23.08 6.67
CA GLU B 292 19.26 -23.97 7.84
C GLU B 292 20.62 -23.88 8.53
N LYS B 293 21.67 -24.12 7.74
CA LYS B 293 23.04 -24.10 8.22
C LYS B 293 23.56 -22.72 8.62
N TYR B 294 23.35 -21.73 7.78
CA TYR B 294 23.81 -20.37 8.06
C TYR B 294 22.64 -19.40 8.06
N PRO B 295 21.80 -19.43 9.11
CA PRO B 295 20.62 -18.57 9.27
C PRO B 295 20.77 -17.09 8.91
N ASN B 296 22.00 -16.59 8.86
CA ASN B 296 22.21 -15.18 8.58
C ASN B 296 22.96 -14.82 7.30
N LEU B 297 23.49 -15.82 6.59
CA LEU B 297 24.21 -15.56 5.35
C LEU B 297 23.21 -15.17 4.27
N GLN B 298 23.40 -13.99 3.70
CA GLN B 298 22.52 -13.49 2.66
C GLN B 298 22.73 -14.32 1.39
N VAL B 299 21.65 -14.89 0.86
CA VAL B 299 21.72 -15.69 -0.36
C VAL B 299 20.91 -15.10 -1.51
N ILE B 300 21.41 -15.29 -2.73
CA ILE B 300 20.79 -14.82 -3.97
C ILE B 300 20.54 -16.06 -4.84
N GLY B 301 19.42 -16.07 -5.57
CA GLY B 301 19.08 -17.24 -6.37
C GLY B 301 19.14 -17.31 -7.88
N GLY B 302 19.70 -18.43 -8.34
CA GLY B 302 19.87 -18.78 -9.75
C GLY B 302 20.01 -17.63 -10.67
N ASN B 303 19.03 -17.48 -11.54
CA ASN B 303 18.93 -16.39 -12.49
C ASN B 303 17.55 -16.59 -13.04
N VAL B 304 16.67 -15.65 -12.76
CA VAL B 304 15.29 -15.71 -13.21
C VAL B 304 14.90 -14.56 -14.13
N VAL B 305 13.85 -14.78 -14.93
CA VAL B 305 13.34 -13.75 -15.83
C VAL B 305 11.82 -13.70 -15.74
N THR B 306 11.24 -14.55 -14.88
CA THR B 306 9.79 -14.61 -14.72
C THR B 306 9.29 -14.57 -13.29
N ALA B 307 8.11 -13.99 -13.09
CA ALA B 307 7.48 -13.88 -11.79
C ALA B 307 7.29 -15.27 -11.15
N ALA B 308 6.93 -16.25 -11.96
CA ALA B 308 6.72 -17.62 -11.50
C ALA B 308 8.01 -18.23 -10.96
N GLN B 309 9.11 -18.06 -11.68
CA GLN B 309 10.39 -18.57 -11.24
C GLN B 309 10.78 -17.86 -9.95
N ALA B 310 10.61 -16.55 -9.93
CA ALA B 310 10.93 -15.73 -8.76
C ALA B 310 10.20 -16.23 -7.52
N LYS B 311 8.93 -16.59 -7.67
CA LYS B 311 8.14 -17.08 -6.54
C LYS B 311 8.76 -18.25 -5.80
N ASN B 312 9.27 -19.23 -6.54
CA ASN B 312 9.87 -20.40 -5.91
C ASN B 312 11.10 -20.04 -5.09
N LEU B 313 11.98 -19.20 -5.64
CA LEU B 313 13.19 -18.82 -4.94
C LEU B 313 12.84 -17.96 -3.72
N ILE B 314 11.84 -17.11 -3.88
CA ILE B 314 11.39 -16.26 -2.80
C ILE B 314 10.81 -17.16 -1.70
N ASP B 315 10.02 -18.16 -2.11
CA ASP B 315 9.44 -19.11 -1.19
C ASP B 315 10.53 -19.87 -0.47
N ALA B 316 11.59 -20.22 -1.21
CA ALA B 316 12.73 -20.95 -0.67
C ALA B 316 13.48 -20.08 0.33
N GLY B 317 13.30 -18.77 0.25
CA GLY B 317 13.95 -17.89 1.19
C GLY B 317 15.14 -17.08 0.68
N VAL B 318 15.16 -16.75 -0.59
CA VAL B 318 16.27 -15.94 -1.12
C VAL B 318 16.15 -14.51 -0.58
N ASP B 319 17.30 -13.85 -0.41
CA ASP B 319 17.35 -12.48 0.09
C ASP B 319 17.37 -11.42 -1.03
N ALA B 320 17.63 -11.87 -2.25
CA ALA B 320 17.72 -11.02 -3.44
C ALA B 320 17.59 -11.95 -4.65
N LEU B 321 17.29 -11.37 -5.81
CA LEU B 321 17.16 -12.17 -7.02
C LEU B 321 18.10 -11.69 -8.13
N ARG B 322 18.71 -12.63 -8.84
CA ARG B 322 19.59 -12.28 -9.95
C ARG B 322 18.75 -12.49 -11.21
N VAL B 323 18.42 -11.41 -11.91
CA VAL B 323 17.56 -11.48 -13.08
C VAL B 323 18.23 -11.31 -14.44
N GLY B 324 17.94 -12.25 -15.34
CA GLY B 324 18.48 -12.19 -16.67
C GLY B 324 18.75 -13.56 -17.25
N MET B 325 18.33 -13.78 -18.50
CA MET B 325 18.60 -15.03 -19.20
C MET B 325 18.86 -14.80 -20.68
N GLY B 326 20.13 -14.86 -21.05
CA GLY B 326 20.53 -14.68 -22.43
C GLY B 326 20.94 -13.30 -22.91
N CYS B 327 20.72 -12.27 -22.10
CA CYS B 327 21.06 -10.92 -22.50
C CYS B 327 22.54 -10.55 -22.35
N GLY B 328 23.32 -11.45 -21.73
CA GLY B 328 24.73 -11.20 -21.53
C GLY B 328 25.46 -11.06 -22.84
N SER B 329 26.36 -10.07 -22.93
CA SER B 329 27.14 -9.80 -24.14
C SER B 329 27.80 -11.03 -24.76
N ILE B 330 28.21 -11.97 -23.91
CA ILE B 330 28.86 -13.21 -24.36
C ILE B 330 27.93 -14.44 -24.34
N CYS B 331 26.64 -14.21 -24.18
CA CYS B 331 25.66 -15.29 -24.10
C CYS B 331 25.12 -15.70 -25.45
N ILE B 332 24.90 -17.00 -25.61
CA ILE B 332 24.33 -17.56 -26.84
C ILE B 332 23.23 -18.57 -26.44
N THR B 333 22.81 -18.50 -25.18
CA THR B 333 21.76 -19.37 -24.65
C THR B 333 20.48 -19.21 -25.48
N GLN B 334 20.04 -17.97 -25.67
CA GLN B 334 18.82 -17.70 -26.43
C GLN B 334 18.90 -18.25 -27.83
N GLU B 335 20.10 -18.24 -28.39
CA GLU B 335 20.30 -18.73 -29.75
C GLU B 335 20.34 -20.26 -29.76
N VAL B 336 21.15 -20.81 -28.87
CA VAL B 336 21.34 -22.23 -28.77
C VAL B 336 20.15 -22.94 -28.15
N LEU B 337 19.76 -22.56 -26.94
CA LEU B 337 18.64 -23.24 -26.29
C LEU B 337 17.24 -22.65 -26.55
N ALA B 338 17.19 -21.58 -27.34
CA ALA B 338 15.92 -20.93 -27.72
C ALA B 338 15.12 -20.38 -26.54
N CYS B 339 15.78 -20.22 -25.42
CA CYS B 339 15.14 -19.75 -24.20
C CYS B 339 15.86 -18.54 -23.62
N GLY B 340 15.10 -17.70 -22.94
CA GLY B 340 15.65 -16.52 -22.31
C GLY B 340 14.57 -15.46 -22.31
N ARG B 341 14.95 -14.20 -22.12
CA ARG B 341 13.97 -13.12 -22.14
C ARG B 341 14.58 -11.73 -22.29
N PRO B 342 13.89 -10.83 -23.02
CA PRO B 342 14.38 -9.46 -23.21
C PRO B 342 14.54 -8.79 -21.84
N GLN B 343 15.75 -8.34 -21.56
CA GLN B 343 16.10 -7.73 -20.27
C GLN B 343 15.23 -6.65 -19.63
N ALA B 344 15.01 -5.53 -20.30
CA ALA B 344 14.20 -4.49 -19.67
C ALA B 344 12.84 -5.03 -19.25
N THR B 345 12.33 -6.00 -20.03
CA THR B 345 11.03 -6.61 -19.73
C THR B 345 11.14 -7.52 -18.50
N ALA B 346 12.18 -8.34 -18.45
CA ALA B 346 12.39 -9.25 -17.31
C ALA B 346 12.62 -8.46 -16.03
N VAL B 347 13.39 -7.39 -16.15
CA VAL B 347 13.70 -6.53 -15.02
C VAL B 347 12.42 -5.89 -14.49
N TYR B 348 11.58 -5.37 -15.39
CA TYR B 348 10.34 -4.74 -14.95
C TYR B 348 9.38 -5.75 -14.31
N LYS B 349 9.14 -6.85 -15.02
CA LYS B 349 8.23 -7.90 -14.55
C LYS B 349 8.62 -8.58 -13.23
N VAL B 350 9.86 -9.06 -13.14
CA VAL B 350 10.29 -9.73 -11.92
C VAL B 350 10.36 -8.78 -10.72
N SER B 351 10.98 -7.62 -10.89
CA SER B 351 11.08 -6.67 -9.78
C SER B 351 9.70 -6.26 -9.24
N GLU B 352 8.77 -5.94 -10.13
CA GLU B 352 7.41 -5.57 -9.74
C GLU B 352 6.80 -6.58 -8.77
N TYR B 353 7.04 -7.86 -9.02
CA TYR B 353 6.52 -8.94 -8.19
C TYR B 353 7.34 -9.12 -6.90
N ALA B 354 8.65 -9.26 -7.08
CA ALA B 354 9.57 -9.46 -5.97
C ALA B 354 9.44 -8.42 -4.89
N ARG B 355 9.24 -7.17 -5.30
CA ARG B 355 9.12 -6.08 -4.34
C ARG B 355 8.01 -6.35 -3.35
N ARG B 356 7.00 -7.09 -3.78
CA ARG B 356 5.87 -7.42 -2.91
C ARG B 356 6.30 -8.37 -1.78
N PHE B 357 7.58 -8.75 -1.78
CA PHE B 357 8.11 -9.65 -0.77
C PHE B 357 9.43 -9.14 -0.25
N GLY B 358 9.68 -7.85 -0.45
CA GLY B 358 10.90 -7.22 0.00
C GLY B 358 12.17 -7.81 -0.58
N VAL B 359 12.05 -8.58 -1.67
CA VAL B 359 13.23 -9.20 -2.27
C VAL B 359 13.82 -8.32 -3.37
N PRO B 360 15.03 -7.78 -3.15
CA PRO B 360 15.73 -6.94 -4.11
C PRO B 360 16.04 -7.70 -5.41
N VAL B 361 16.12 -6.96 -6.51
CA VAL B 361 16.38 -7.52 -7.83
C VAL B 361 17.65 -6.96 -8.47
N ILE B 362 18.58 -7.86 -8.78
CA ILE B 362 19.86 -7.50 -9.42
C ILE B 362 19.64 -7.65 -10.93
N ALA B 363 19.64 -6.52 -11.65
CA ALA B 363 19.48 -6.53 -13.10
C ALA B 363 20.82 -6.98 -13.69
N ASP B 364 20.87 -8.25 -14.10
CA ASP B 364 22.08 -8.87 -14.62
C ASP B 364 22.15 -9.24 -16.11
N GLY B 365 22.97 -8.50 -16.86
CA GLY B 365 23.13 -8.77 -18.27
C GLY B 365 22.55 -7.72 -19.19
N GLY B 366 23.30 -7.39 -20.25
CA GLY B 366 22.84 -6.41 -21.22
C GLY B 366 23.16 -4.95 -20.94
N ILE B 367 24.17 -4.69 -20.13
CA ILE B 367 24.57 -3.32 -19.82
C ILE B 367 25.80 -3.02 -20.66
N GLN B 368 25.87 -1.80 -21.18
CA GLN B 368 27.00 -1.35 -21.97
C GLN B 368 27.15 0.16 -21.95
N ASN B 369 26.43 0.79 -21.03
CA ASN B 369 26.49 2.23 -20.84
C ASN B 369 25.61 2.58 -19.67
N VAL B 370 25.81 3.79 -19.14
CA VAL B 370 25.07 4.30 -18.00
C VAL B 370 23.58 4.30 -18.29
N GLY B 371 23.23 4.53 -19.55
CA GLY B 371 21.83 4.54 -19.95
C GLY B 371 21.17 3.25 -19.54
N HIS B 372 21.80 2.13 -19.85
CA HIS B 372 21.26 0.83 -19.48
C HIS B 372 21.08 0.73 -17.97
N ILE B 373 22.09 1.19 -17.22
CA ILE B 373 22.05 1.16 -15.76
C ILE B 373 20.88 1.97 -15.19
N ALA B 374 20.71 3.20 -15.66
CA ALA B 374 19.62 4.05 -15.19
C ALA B 374 18.27 3.43 -15.52
N LYS B 375 18.15 2.85 -16.71
CA LYS B 375 16.90 2.22 -17.15
C LYS B 375 16.54 1.04 -16.29
N ALA B 376 17.52 0.18 -16.01
CA ALA B 376 17.28 -0.98 -15.16
C ALA B 376 16.79 -0.51 -13.81
N LEU B 377 17.48 0.46 -13.22
CA LEU B 377 17.12 1.00 -11.92
C LEU B 377 15.73 1.62 -12.00
N ALA B 378 15.49 2.39 -13.05
CA ALA B 378 14.21 3.05 -13.25
C ALA B 378 13.06 2.09 -13.43
N LEU B 379 13.35 0.89 -13.88
CA LEU B 379 12.30 -0.09 -14.08
C LEU B 379 12.01 -0.98 -12.86
N GLY B 380 12.82 -0.88 -11.80
CA GLY B 380 12.57 -1.69 -10.62
C GLY B 380 13.72 -2.40 -9.93
N ALA B 381 14.79 -2.70 -10.68
CA ALA B 381 15.94 -3.38 -10.11
C ALA B 381 16.57 -2.54 -9.02
N SER B 382 17.10 -3.19 -7.99
CA SER B 382 17.77 -2.47 -6.90
C SER B 382 19.26 -2.20 -7.20
N THR B 383 19.93 -3.17 -7.80
CA THR B 383 21.33 -3.05 -8.15
C THR B 383 21.50 -3.57 -9.57
N VAL B 384 22.69 -3.42 -10.13
CA VAL B 384 22.95 -3.86 -11.49
C VAL B 384 24.28 -4.58 -11.51
N MET B 385 24.34 -5.71 -12.23
CA MET B 385 25.55 -6.52 -12.33
C MET B 385 26.15 -6.39 -13.71
N MET B 386 27.47 -6.23 -13.78
CA MET B 386 28.15 -6.07 -15.06
C MET B 386 29.28 -7.05 -15.29
N GLY B 387 29.42 -7.47 -16.54
CA GLY B 387 30.48 -8.37 -16.93
C GLY B 387 31.36 -7.57 -17.88
N SER B 388 30.87 -7.36 -19.09
CA SER B 388 31.59 -6.61 -20.11
C SER B 388 32.07 -5.21 -19.67
N LEU B 389 31.15 -4.39 -19.15
CA LEU B 389 31.48 -3.04 -18.73
C LEU B 389 32.65 -2.92 -17.76
N LEU B 390 33.02 -4.03 -17.11
CA LEU B 390 34.12 -4.00 -16.15
C LEU B 390 35.17 -5.02 -16.53
N ALA B 391 34.95 -5.70 -17.66
CA ALA B 391 35.85 -6.74 -18.15
C ALA B 391 37.28 -6.36 -18.49
N ALA B 392 37.50 -5.20 -19.12
CA ALA B 392 38.85 -4.81 -19.48
C ALA B 392 39.48 -3.81 -18.52
N THR B 393 39.06 -3.82 -17.26
CA THR B 393 39.61 -2.90 -16.27
C THR B 393 40.92 -3.47 -15.73
N THR B 394 41.75 -2.60 -15.17
CA THR B 394 43.04 -3.01 -14.63
C THR B 394 42.92 -4.13 -13.60
N GLU B 395 41.88 -4.05 -12.77
CA GLU B 395 41.64 -5.02 -11.71
C GLU B 395 41.02 -6.35 -12.16
N ALA B 396 40.56 -6.41 -13.39
CA ALA B 396 39.95 -7.64 -13.89
C ALA B 396 41.02 -8.72 -13.99
N PRO B 397 40.67 -9.99 -13.73
CA PRO B 397 41.64 -11.06 -13.82
C PRO B 397 42.13 -11.17 -15.25
N GLY B 398 43.41 -11.47 -15.43
CA GLY B 398 43.95 -11.60 -16.77
C GLY B 398 45.01 -10.59 -17.09
N GLU B 399 45.67 -10.76 -18.23
CA GLU B 399 46.71 -9.85 -18.64
C GLU B 399 46.22 -9.04 -19.83
N TYR B 400 46.99 -8.03 -20.21
CA TYR B 400 46.64 -7.20 -21.35
C TYR B 400 47.42 -7.65 -22.58
N PHE B 401 46.95 -7.24 -23.75
CA PHE B 401 47.61 -7.56 -24.98
C PHE B 401 47.12 -6.62 -26.06
N PHE B 402 47.80 -6.62 -27.20
CA PHE B 402 47.41 -5.74 -28.28
C PHE B 402 47.06 -6.53 -29.52
N SER B 403 45.98 -6.13 -30.18
CA SER B 403 45.56 -6.76 -31.41
C SER B 403 45.77 -5.68 -32.45
N ASP B 404 47.04 -5.29 -32.58
CA ASP B 404 47.49 -4.26 -33.50
C ASP B 404 46.92 -2.90 -33.11
N GLY B 405 47.58 -2.27 -32.14
CA GLY B 405 47.16 -0.96 -31.68
C GLY B 405 46.24 -1.02 -30.48
N ILE B 406 45.20 -1.84 -30.55
CA ILE B 406 44.25 -1.96 -29.44
C ILE B 406 44.73 -2.87 -28.30
N ARG B 407 44.74 -2.29 -27.10
CA ARG B 407 45.14 -2.98 -25.88
C ARG B 407 43.88 -3.66 -25.36
N LEU B 408 43.82 -4.97 -25.52
CA LEU B 408 42.67 -5.75 -25.10
C LEU B 408 42.95 -6.67 -23.91
N LYS B 409 41.87 -7.18 -23.34
CA LYS B 409 41.94 -8.10 -22.21
C LYS B 409 40.86 -9.14 -22.48
N LYS B 410 41.10 -10.38 -22.06
CA LYS B 410 40.18 -11.47 -22.29
C LYS B 410 38.89 -11.35 -21.47
N TYR B 411 37.79 -11.80 -22.07
CA TYR B 411 36.49 -11.79 -21.42
C TYR B 411 35.70 -12.90 -22.10
N ARG B 412 35.23 -13.87 -21.31
CA ARG B 412 34.49 -15.00 -21.85
C ARG B 412 33.31 -15.42 -20.99
N GLY B 413 32.30 -15.99 -21.64
CA GLY B 413 31.14 -16.46 -20.91
C GLY B 413 31.56 -17.67 -20.13
N MET B 414 30.95 -17.86 -18.96
CA MET B 414 31.27 -19.01 -18.12
C MET B 414 30.81 -20.32 -18.74
N GLY B 415 29.85 -20.21 -19.65
CA GLY B 415 29.34 -21.39 -20.31
C GLY B 415 30.05 -21.63 -21.63
N SER B 416 31.22 -21.03 -21.81
CA SER B 416 31.97 -21.24 -23.03
C SER B 416 32.75 -22.55 -22.94
N LEU B 417 33.05 -23.13 -24.10
CA LEU B 417 33.79 -24.37 -24.18
C LEU B 417 35.11 -24.37 -23.39
N ASP B 418 35.89 -23.29 -23.52
CA ASP B 418 37.17 -23.19 -22.83
C ASP B 418 37.07 -22.77 -21.37
N ALA B 419 35.96 -22.13 -21.01
CA ALA B 419 35.77 -21.72 -19.63
C ALA B 419 35.40 -22.98 -18.86
N MET B 420 34.54 -23.79 -19.46
CA MET B 420 34.07 -25.03 -18.85
C MET B 420 35.12 -26.14 -18.76
N ILE B 437 29.70 -34.76 -25.49
CA ILE B 437 30.21 -33.39 -25.75
C ILE B 437 29.43 -32.38 -24.91
N LYS B 438 29.91 -31.13 -24.89
CA LYS B 438 29.25 -30.08 -24.11
C LYS B 438 28.57 -29.04 -25.01
N VAL B 439 27.43 -28.54 -24.55
CA VAL B 439 26.68 -27.54 -25.30
C VAL B 439 27.06 -26.16 -24.75
N ALA B 440 27.92 -25.46 -25.48
CA ALA B 440 28.38 -24.12 -25.09
C ALA B 440 27.26 -23.10 -25.09
N GLN B 441 27.19 -22.31 -24.02
CA GLN B 441 26.18 -21.28 -23.88
C GLN B 441 26.77 -19.88 -23.94
N GLY B 442 28.07 -19.79 -24.17
CA GLY B 442 28.73 -18.51 -24.25
C GLY B 442 29.91 -18.55 -25.21
N VAL B 443 30.40 -17.36 -25.59
CA VAL B 443 31.55 -17.25 -26.47
C VAL B 443 32.69 -16.64 -25.66
N SER B 444 33.92 -16.82 -26.15
CA SER B 444 35.08 -16.26 -25.46
C SER B 444 35.68 -15.22 -26.37
N GLY B 445 35.82 -13.99 -25.88
CA GLY B 445 36.38 -12.95 -26.71
C GLY B 445 37.30 -12.00 -25.99
N ALA B 446 37.38 -10.77 -26.48
CA ALA B 446 38.23 -9.77 -25.86
C ALA B 446 37.53 -8.42 -25.88
N VAL B 447 37.96 -7.54 -24.97
CA VAL B 447 37.41 -6.20 -24.88
C VAL B 447 38.56 -5.20 -24.69
N GLN B 448 38.34 -3.97 -25.13
CA GLN B 448 39.36 -2.93 -25.04
C GLN B 448 39.56 -2.36 -23.63
N ASP B 449 40.83 -2.21 -23.26
CA ASP B 449 41.25 -1.67 -21.97
C ASP B 449 40.41 -0.46 -21.53
N LYS B 450 39.64 -0.63 -20.47
CA LYS B 450 38.80 0.44 -19.94
C LYS B 450 39.47 1.24 -18.83
N GLY B 451 40.71 0.91 -18.51
CA GLY B 451 41.41 1.63 -17.46
C GLY B 451 41.17 1.00 -16.10
N SER B 452 41.22 1.81 -15.04
CA SER B 452 41.04 1.31 -13.68
C SER B 452 39.66 1.57 -13.08
N ILE B 453 39.19 0.59 -12.30
CA ILE B 453 37.90 0.65 -11.61
C ILE B 453 37.80 1.91 -10.77
N HIS B 454 38.94 2.36 -10.27
CA HIS B 454 39.02 3.54 -9.43
C HIS B 454 38.67 4.86 -10.12
N LYS B 455 38.52 4.82 -11.44
CA LYS B 455 38.16 6.01 -12.21
C LYS B 455 36.85 5.71 -12.92
N PHE B 456 36.73 4.50 -13.45
CA PHE B 456 35.54 4.08 -14.18
C PHE B 456 34.27 4.08 -13.33
N VAL B 457 34.32 3.47 -12.16
CA VAL B 457 33.14 3.44 -11.30
C VAL B 457 32.69 4.85 -10.96
N PRO B 458 33.62 5.72 -10.53
CA PRO B 458 33.23 7.09 -10.19
C PRO B 458 32.55 7.78 -11.37
N TYR B 459 32.94 7.39 -12.59
CA TYR B 459 32.31 7.93 -13.78
C TYR B 459 30.87 7.41 -13.82
N LEU B 460 30.69 6.12 -13.62
CA LEU B 460 29.36 5.50 -13.64
C LEU B 460 28.43 6.16 -12.65
N ILE B 461 28.92 6.40 -11.44
CA ILE B 461 28.12 7.04 -10.42
C ILE B 461 27.68 8.43 -10.91
N ALA B 462 28.62 9.16 -11.49
CA ALA B 462 28.30 10.49 -11.99
C ALA B 462 27.29 10.41 -13.13
N GLY B 463 27.38 9.35 -13.93
CA GLY B 463 26.47 9.18 -15.05
C GLY B 463 25.05 8.96 -14.59
N ILE B 464 24.88 8.10 -13.59
CA ILE B 464 23.57 7.78 -13.02
C ILE B 464 22.96 9.01 -12.36
N GLN B 465 23.78 9.76 -11.63
CA GLN B 465 23.32 10.97 -10.95
C GLN B 465 22.74 11.98 -11.93
N HIS B 466 23.34 12.08 -13.11
CA HIS B 466 22.83 13.01 -14.11
C HIS B 466 21.52 12.50 -14.69
N SER B 467 21.35 11.19 -14.80
CA SER B 467 20.10 10.63 -15.33
C SER B 467 18.98 10.98 -14.38
N CYS B 468 19.17 10.66 -13.10
CA CYS B 468 18.18 10.93 -12.08
C CYS B 468 17.79 12.40 -12.09
N GLN B 469 18.78 13.26 -12.22
CA GLN B 469 18.52 14.69 -12.24
C GLN B 469 17.62 15.07 -13.39
N ASP B 470 17.96 14.64 -14.60
CA ASP B 470 17.16 14.94 -15.76
C ASP B 470 15.72 14.46 -15.59
N ILE B 471 15.55 13.27 -15.02
CA ILE B 471 14.22 12.71 -14.81
C ILE B 471 13.51 13.30 -13.58
N GLY B 472 14.25 14.05 -12.76
CA GLY B 472 13.66 14.68 -11.59
C GLY B 472 13.72 13.92 -10.27
N ALA B 473 14.50 12.84 -10.25
CA ALA B 473 14.63 12.02 -9.06
C ALA B 473 15.90 12.36 -8.29
N LYS B 474 15.77 12.65 -7.01
CA LYS B 474 16.90 12.99 -6.16
C LYS B 474 17.54 11.74 -5.56
N SER B 475 17.02 10.57 -5.92
CA SER B 475 17.53 9.31 -5.39
C SER B 475 16.94 8.14 -6.18
N LEU B 476 17.59 6.99 -6.11
CA LEU B 476 17.09 5.81 -6.80
C LEU B 476 15.75 5.36 -6.23
N THR B 477 15.53 5.56 -4.93
CA THR B 477 14.27 5.20 -4.32
C THR B 477 13.18 6.06 -4.94
N GLN B 478 13.48 7.35 -5.11
CA GLN B 478 12.55 8.31 -5.69
C GLN B 478 12.23 7.89 -7.12
N VAL B 479 13.22 7.38 -7.83
CA VAL B 479 12.99 6.95 -9.22
C VAL B 479 11.93 5.87 -9.28
N ARG B 480 12.15 4.77 -8.58
CA ARG B 480 11.19 3.67 -8.58
C ARG B 480 9.82 4.10 -8.07
N ALA B 481 9.80 4.98 -7.07
CA ALA B 481 8.55 5.47 -6.50
C ALA B 481 7.74 6.24 -7.55
N MET B 482 8.44 7.07 -8.32
CA MET B 482 7.82 7.87 -9.37
C MET B 482 7.35 6.99 -10.51
N MET B 483 8.07 5.90 -10.77
CA MET B 483 7.69 4.99 -11.83
C MET B 483 6.43 4.22 -11.44
N TYR B 484 6.47 3.56 -10.29
CA TYR B 484 5.32 2.79 -9.82
C TYR B 484 4.04 3.62 -9.66
N SER B 485 4.20 4.88 -9.25
CA SER B 485 3.05 5.77 -9.09
C SER B 485 2.54 6.18 -10.46
N GLY B 486 3.40 6.02 -11.47
CA GLY B 486 3.04 6.38 -12.82
C GLY B 486 3.60 7.74 -13.21
N GLU B 487 4.14 8.46 -12.23
CA GLU B 487 4.70 9.78 -12.48
C GLU B 487 5.79 9.80 -13.54
N LEU B 488 6.79 8.92 -13.40
CA LEU B 488 7.87 8.85 -14.37
C LEU B 488 7.24 8.34 -15.65
N LYS B 489 7.48 9.03 -16.76
CA LYS B 489 6.92 8.66 -18.04
C LYS B 489 8.00 8.18 -19.02
N PHE B 490 7.64 7.20 -19.83
CA PHE B 490 8.56 6.61 -20.82
C PHE B 490 7.96 6.71 -22.22
N GLU B 491 8.79 6.48 -23.22
CA GLU B 491 8.33 6.50 -24.61
C GLU B 491 9.15 5.54 -25.47
N LYS B 492 8.46 4.74 -26.27
CA LYS B 492 9.13 3.78 -27.16
C LYS B 492 10.06 4.51 -28.10
N ARG B 493 10.89 3.74 -28.80
CA ARG B 493 11.86 4.31 -29.72
C ARG B 493 11.95 3.45 -30.98
N THR B 494 11.49 3.98 -32.11
CA THR B 494 11.56 3.26 -33.37
C THR B 494 13.05 3.23 -33.73
N SER B 495 13.44 2.41 -34.70
CA SER B 495 14.85 2.35 -35.10
C SER B 495 15.34 3.71 -35.54
N SER B 496 14.54 4.43 -36.32
CA SER B 496 14.91 5.77 -36.75
C SER B 496 15.10 6.62 -35.50
N ALA B 497 14.20 6.49 -34.53
CA ALA B 497 14.32 7.24 -33.28
C ALA B 497 15.56 6.79 -32.50
N GLN B 498 16.04 5.59 -32.79
CA GLN B 498 17.23 5.05 -32.13
C GLN B 498 18.49 5.59 -32.84
N VAL B 499 18.47 5.57 -34.17
CA VAL B 499 19.58 6.06 -34.98
C VAL B 499 19.76 7.56 -34.70
N GLU B 500 18.64 8.25 -34.59
CA GLU B 500 18.64 9.67 -34.30
C GLU B 500 19.17 9.95 -32.90
N GLY B 501 18.96 9.02 -31.98
CA GLY B 501 19.41 9.21 -30.62
C GLY B 501 20.91 9.02 -30.47
N GLY B 502 21.51 8.28 -31.39
CA GLY B 502 22.93 8.05 -31.32
C GLY B 502 23.65 8.98 -32.29
N VAL B 503 24.97 8.96 -32.26
CA VAL B 503 25.74 9.81 -33.15
C VAL B 503 25.35 9.46 -34.59
N HIS B 504 25.21 10.49 -35.42
CA HIS B 504 24.83 10.30 -36.81
C HIS B 504 25.13 11.53 -37.64
N SER B 505 25.21 11.35 -38.96
CA SER B 505 25.41 12.45 -39.90
C SER B 505 26.80 13.12 -39.86
N LEU B 506 27.77 12.43 -39.29
CA LEU B 506 29.12 12.95 -39.20
C LEU B 506 30.02 12.18 -40.16
N HIS B 507 31.15 12.76 -40.50
CA HIS B 507 32.10 12.11 -41.39
C HIS B 507 33.06 11.26 -40.55
N SER B 508 33.15 11.59 -39.28
CA SER B 508 34.01 10.89 -38.32
C SER B 508 33.82 11.61 -37.00
N TYR B 509 34.21 10.96 -35.91
CA TYR B 509 34.06 11.56 -34.59
C TYR B 509 34.78 10.76 -33.53
N GLU B 510 35.01 11.39 -32.39
CA GLU B 510 35.65 10.76 -31.26
C GLU B 510 34.60 10.68 -30.16
N LYS B 511 34.23 9.47 -29.76
CA LYS B 511 33.26 9.31 -28.69
C LYS B 511 34.07 9.10 -27.42
N ARG B 512 34.28 10.19 -26.69
CA ARG B 512 35.05 10.19 -25.45
C ARG B 512 34.19 10.65 -24.28
N LEU B 513 34.08 9.78 -23.27
CA LEU B 513 33.29 10.07 -22.08
C LEU B 513 34.20 10.07 -20.86
N PHE B 514 34.15 11.15 -20.08
CA PHE B 514 34.96 11.28 -18.89
C PHE B 514 36.45 11.03 -19.15
K K C . -29.03 9.20 -7.76
P IMP D . -27.86 6.48 -0.52
O1P IMP D . -27.87 5.70 -1.81
O2P IMP D . -26.98 5.87 0.51
O3P IMP D . -29.22 6.63 0.00
O5' IMP D . -27.31 7.89 -0.68
C5' IMP D . -27.09 8.69 0.52
C4' IMP D . -25.95 9.60 0.13
O4' IMP D . -26.37 10.41 -0.97
C3' IMP D . -25.62 10.58 1.25
O3' IMP D . -24.55 10.15 2.08
C2' IMP D . -25.11 11.82 0.49
O2' IMP D . -23.87 11.66 -0.17
C1' IMP D . -26.11 11.78 -0.64
N9 IMP D . -27.02 12.91 -0.70
C8 IMP D . -27.67 13.50 0.36
N7 IMP D . -28.57 14.40 -0.06
C5 IMP D . -28.53 14.39 -1.41
C6 IMP D . -29.25 15.11 -2.41
O6 IMP D . -30.13 15.93 -2.18
N1 IMP D . -28.89 14.77 -3.68
C2 IMP D . -27.90 13.81 -4.05
N3 IMP D . -27.22 13.14 -3.13
C4 IMP D . -27.51 13.42 -1.83
C1 MOA E . -24.26 14.82 -4.71
C2 MOA E . -27.03 19.18 -2.36
C3 MOA E . -27.10 20.28 -1.60
C4 MOA E . -26.62 21.57 -2.23
C5 MOA E . -25.37 22.04 -1.49
C6 MOA E . -24.10 21.47 -2.07
C7 MOA E . -23.39 15.20 0.10
C8 MOA E . -24.74 18.34 0.43
C9 MOA E . -27.58 20.27 -0.16
C10 MOA E . -22.99 14.08 -2.87
C11 MOA E . -24.00 15.11 -2.40
C12 MOA E . -24.22 15.62 -1.08
C13 MOA E . -25.26 16.53 -0.93
C14 MOA E . -26.06 16.90 -2.01
C15 MOA E . -25.83 16.41 -3.30
C16 MOA E . -24.77 15.50 -3.47
C17 MOA E . -27.26 17.79 -1.80
O1 MOA E . -24.59 14.95 -5.85
O2 MOA E . -23.30 13.99 -4.31
O3 MOA E . -25.43 17.08 0.30
O4 MOA E . -26.67 16.80 -4.33
O5 MOA E . -23.93 21.54 -3.31
O6 MOA E . -23.28 20.93 -1.29
K K F . 23.79 -12.24 -25.93
P IMP G . 27.24 -8.69 -19.60
O1P IMP G . 26.42 -8.13 -20.71
O2P IMP G . 27.19 -7.84 -18.37
O3P IMP G . 28.66 -8.85 -20.02
O5' IMP G . 26.76 -10.07 -19.22
C5' IMP G . 27.38 -10.63 -18.03
C4' IMP G . 26.35 -11.56 -17.42
O4' IMP G . 25.94 -12.54 -18.40
C3' IMP G . 26.95 -12.32 -16.22
O3' IMP G . 26.59 -11.78 -14.95
C2' IMP G . 26.22 -13.66 -16.33
O2' IMP G . 24.88 -13.63 -15.82
C1' IMP G . 26.08 -13.83 -17.84
N9 IMP G . 26.76 -14.98 -18.41
C8 IMP G . 28.04 -15.35 -18.05
N7 IMP G . 28.52 -16.34 -18.83
C5 IMP G . 27.55 -16.63 -19.73
C6 IMP G . 27.52 -17.56 -20.79
O6 IMP G . 28.47 -18.29 -21.10
N1 IMP G . 26.33 -17.55 -21.47
C2 IMP G . 25.22 -16.73 -21.24
N3 IMP G . 25.24 -15.83 -20.24
C4 IMP G . 26.39 -15.75 -19.48
C1 MOA H . 22.31 -17.20 -19.31
C2 MOA H . 26.13 -21.44 -18.57
C3 MOA H . 26.73 -22.45 -17.93
C4 MOA H . 26.19 -23.85 -18.08
C5 MOA H . 25.36 -24.22 -16.85
C6 MOA H . 24.02 -23.53 -16.81
C7 MOA H . 24.39 -17.00 -14.91
C8 MOA H . 25.83 -20.09 -14.90
C9 MOA H . 27.93 -22.28 -17.02
C10 MOA H . 22.33 -16.29 -17.11
C11 MOA H . 23.50 -17.24 -17.24
C12 MOA H . 24.47 -17.59 -16.28
C13 MOA H . 25.43 -18.56 -16.66
C14 MOA H . 25.42 -19.12 -17.96
C15 MOA H . 24.42 -18.76 -18.92
C16 MOA H . 23.47 -17.80 -18.52
C17 MOA H . 26.56 -20.02 -18.37
O1 MOA H . 21.98 -17.33 -20.44
O2 MOA H . 21.68 -16.38 -18.44
O3 MOA H . 26.35 -19.04 -15.73
O4 MOA H . 24.33 -19.48 -20.12
O5 MOA H . 23.16 -23.84 -17.68
O6 MOA H . 23.80 -22.65 -15.93
#